data_3OGV
#
_entry.id   3OGV
#
_cell.length_a   67.600
_cell.length_b   68.700
_cell.length_c   81.700
_cell.angle_alpha   108.50
_cell.angle_beta   97.70
_cell.angle_gamma   114.50
#
_symmetry.space_group_name_H-M   'P 1'
#
loop_
_entity.id
_entity.type
_entity.pdbx_description
1 polymer Beta-galactosidase
2 branched alpha-D-mannopyranose-(1-2)-alpha-D-mannopyranose-(1-3)-alpha-D-mannopyranose-(1-6)-[alpha-D-mannopyranose-(1-3)]beta-D-mannopyranose-(1-4)-2-acetamido-2-deoxy-beta-D-glucopyranose-(1-4)-2-acetamido-2-deoxy-beta-D-glucopyranose
3 branched alpha-D-glucopyranose-(1-3)-alpha-D-mannopyranose-(1-2)-alpha-D-mannopyranose-(1-2)-alpha-D-mannopyranose-(1-3)-[alpha-D-mannopyranose-(1-6)]beta-D-mannopyranose-(1-4)-2-acetamido-2-deoxy-beta-D-glucopyranose-(1-4)-2-acetamido-2-deoxy-beta-D-glucopyranose
4 branched 2-acetamido-2-deoxy-beta-D-glucopyranose-(1-4)-2-acetamido-2-deoxy-beta-D-glucopyranose
5 non-polymer '2-phenylethyl 1-thio-beta-D-galactopyranoside'
6 non-polymer 2-acetamido-2-deoxy-beta-D-glucopyranose
7 water water
#
_entity_poly.entity_id   1
_entity_poly.type   'polypeptide(L)'
_entity_poly.pdbx_seq_one_letter_code
;TSIGLHGGRPRDIILDDAKGPLQNIVTWDEHSLFVHGERVVIFSGEVHPFRLPVPSLYLDVFHKIKALGFNTVSFYVDWA
LLEGKPGRFRADGIFSLEPFFEAATKAGIYLLARPGPYINAEVSGGGFPGWLQRVKGKLRTDAPDYLHATDNYVAHIASI
IAKAQITNGGPVILYQPENEYSGAAEGVLFPNKPYMQYVIDQARNAGIIVPLINNDAFPGGTGAPGTGLGSVDIYGHDGY
PLGFDCAHPSAWPDNGLPTTWRQDHLNISPSTPFSLVEFQGGAFDPFGGWGFEQCSALVNHEFERVFYKNNMAAGVTIFN
IYMTFGGTNWGNLGHPGGYTSYDYGASIREDRRIDREKYSELKLQGQFLKVSPGYITATPENATQGVYSDSQNIVITPLL
AKESGDFFVVRHANYSSTDTASYTVKLPTSAGDLTIPQLGGSLTLTGRDSKIHVTDYPVGKFTLLYSTAEIFTWNEFAEK
TVLVLYGGAQELHEFAVKNPFGSSKTAKAKKIEGSNVTIHTTSNLTVVLQWTASSARQVVQLGSLVIYMVDRNSAYNYWV
PTLPGSGKQSAYGSSLMNPDSVIINGGYLIRSVAIKGNALSVQADFNVTTPLEIIGIPKGISKLAVNGKELGYSVSELGD
WIAHPAIEIPHVQVPELTKLKWYKVDSLPEIRSNYDDSRWPLANLRTSNNTYAPLKTPVSLYGSDYGFHAGTLLFRGRFT
ARTARQQLFLSTQGGSAFASSVWLNDRFIGSFTGFDAASAANSSYTLDRLVRGRRYILTVVVDSTGLDENWTTGDDSMKA
PRGILDYALTSSSGANVSISWKLTGNLGGEDYRDVFRGPLNEGGLFFERQGFHLPSPPLSDFTHGPSSSSSSSSPLDGIA
HAGIAFYAAKLPLHLPAQEYDIPLSFVFDNATAAAPYRALLYVNGFQYGKYVSNIGPQTEFPVPEGILDYNGDNWIGVAL
WALESRGAKVPGLALKSKSPILTGRERVEVVKGPHFKKRHGAY
;
_entity_poly.pdbx_strand_id   A
#
# COMPACT_ATOMS: atom_id res chain seq x y z
N ALA A 18 -21.52 -14.87 16.58
CA ALA A 18 -20.38 -15.80 16.38
C ALA A 18 -20.25 -16.85 17.48
N LYS A 19 -20.23 -18.11 17.04
CA LYS A 19 -20.28 -19.22 17.98
C LYS A 19 -19.34 -20.33 17.67
N GLY A 20 -18.27 -20.09 16.93
CA GLY A 20 -17.22 -21.08 16.72
C GLY A 20 -16.90 -21.17 15.22
N PRO A 21 -15.95 -22.00 14.84
CA PRO A 21 -15.56 -22.21 13.43
C PRO A 21 -16.60 -22.94 12.65
N LEU A 22 -16.76 -22.70 11.35
CA LEU A 22 -17.68 -23.40 10.49
C LEU A 22 -17.02 -24.45 9.69
N GLN A 23 -15.68 -24.60 9.90
CA GLN A 23 -14.86 -25.51 9.10
C GLN A 23 -13.62 -25.75 10.03
N ASN A 24 -12.86 -26.82 9.69
CA ASN A 24 -11.72 -27.16 10.52
C ASN A 24 -10.37 -26.85 9.93
N ILE A 25 -10.32 -26.16 8.81
CA ILE A 25 -9.06 -25.82 8.16
CA ILE A 25 -9.01 -25.80 8.25
C ILE A 25 -8.42 -24.62 8.92
N VAL A 26 -9.18 -23.56 9.22
CA VAL A 26 -8.70 -22.37 9.88
C VAL A 26 -9.43 -22.29 11.19
N THR A 27 -8.74 -22.40 12.32
CA THR A 27 -9.36 -22.38 13.64
C THR A 27 -8.52 -21.54 14.57
N TRP A 28 -8.89 -21.29 15.78
CA TRP A 28 -8.20 -20.43 16.65
C TRP A 28 -8.39 -20.72 18.12
N ASP A 29 -7.50 -20.24 18.95
CA ASP A 29 -7.74 -20.20 20.38
C ASP A 29 -7.18 -18.98 20.99
N GLU A 30 -6.98 -18.92 22.31
CA GLU A 30 -6.48 -17.74 22.98
C GLU A 30 -5.13 -17.23 22.39
N HIS A 31 -4.34 -18.22 21.95
CA HIS A 31 -2.94 -17.84 21.59
C HIS A 31 -2.73 -17.60 20.10
N SER A 32 -3.41 -18.32 19.22
CA SER A 32 -3.08 -18.16 17.78
C SER A 32 -4.17 -18.67 16.92
N LEU A 33 -4.10 -18.36 15.63
CA LEU A 33 -4.71 -19.11 14.59
C LEU A 33 -4.06 -20.49 14.39
N PHE A 34 -4.80 -21.46 13.86
CA PHE A 34 -4.26 -22.74 13.39
C PHE A 34 -4.64 -22.85 11.94
N VAL A 35 -3.72 -23.23 11.04
CA VAL A 35 -3.99 -23.50 9.63
C VAL A 35 -3.61 -24.92 9.36
N HIS A 36 -4.56 -25.74 8.93
CA HIS A 36 -4.36 -27.17 8.75
C HIS A 36 -3.81 -27.79 10.03
N GLY A 37 -4.30 -27.33 11.20
CA GLY A 37 -3.91 -27.89 12.53
C GLY A 37 -2.58 -27.45 13.09
N GLU A 38 -1.84 -26.57 12.36
CA GLU A 38 -0.59 -26.08 12.80
C GLU A 38 -0.76 -24.70 13.42
N ARG A 39 -0.26 -24.42 14.61
CA ARG A 39 -0.24 -23.09 15.15
C ARG A 39 0.68 -22.23 14.30
N VAL A 40 0.33 -21.00 14.05
CA VAL A 40 1.14 -20.11 13.20
CA VAL A 40 1.15 -20.12 13.22
C VAL A 40 1.07 -18.71 13.74
N VAL A 41 2.11 -17.89 13.58
CA VAL A 41 2.02 -16.45 13.75
C VAL A 41 1.71 -15.90 12.37
N ILE A 42 0.53 -15.26 12.18
CA ILE A 42 0.20 -14.60 10.89
C ILE A 42 0.88 -13.26 10.86
N PHE A 43 1.75 -13.12 9.87
CA PHE A 43 2.47 -11.86 9.69
C PHE A 43 2.21 -11.49 8.22
N SER A 44 1.46 -10.38 8.09
CA SER A 44 0.80 -10.04 6.82
C SER A 44 1.17 -8.60 6.45
N GLY A 45 1.09 -8.50 5.11
CA GLY A 45 1.30 -7.09 4.52
C GLY A 45 0.05 -6.73 3.65
N GLU A 46 -0.25 -5.40 3.76
CA GLU A 46 -1.40 -4.94 2.97
C GLU A 46 -0.94 -4.64 1.52
N VAL A 47 -1.73 -5.07 0.54
CA VAL A 47 -1.53 -4.82 -0.90
C VAL A 47 -2.92 -4.61 -1.50
N HIS A 48 -3.12 -3.60 -2.34
CA HIS A 48 -4.45 -3.34 -2.95
C HIS A 48 -4.38 -3.68 -4.46
N PRO A 49 -5.04 -4.72 -4.90
CA PRO A 49 -4.82 -5.13 -6.30
C PRO A 49 -5.29 -4.07 -7.27
N PHE A 50 -6.25 -3.24 -6.91
CA PHE A 50 -6.77 -2.22 -7.83
C PHE A 50 -5.78 -1.11 -8.01
N ARG A 51 -4.76 -0.96 -7.12
CA ARG A 51 -3.76 0.09 -7.22
C ARG A 51 -2.54 -0.39 -8.11
N LEU A 52 -2.62 -1.56 -8.69
CA LEU A 52 -1.55 -2.04 -9.60
C LEU A 52 -2.22 -2.80 -10.70
N PRO A 53 -2.66 -2.10 -11.81
CA PRO A 53 -3.47 -2.72 -12.86
C PRO A 53 -2.61 -3.41 -13.89
N VAL A 54 -1.68 -4.28 -13.38
CA VAL A 54 -0.74 -5.05 -14.26
C VAL A 54 -0.77 -6.46 -13.62
N PRO A 55 -1.59 -7.34 -14.14
CA PRO A 55 -1.81 -8.65 -13.46
C PRO A 55 -0.51 -9.46 -13.31
N SER A 56 0.40 -9.34 -14.28
CA SER A 56 1.67 -10.08 -14.26
C SER A 56 2.62 -9.51 -13.20
N LEU A 57 2.40 -8.41 -12.57
CA LEU A 57 3.25 -7.90 -11.52
C LEU A 57 2.83 -8.29 -10.11
N TYR A 58 1.65 -8.92 -9.98
CA TYR A 58 1.27 -9.32 -8.61
C TYR A 58 2.27 -10.36 -8.01
N LEU A 59 2.75 -11.26 -8.85
CA LEU A 59 3.75 -12.24 -8.34
C LEU A 59 5.01 -11.50 -7.92
N ASP A 60 5.43 -10.42 -8.60
CA ASP A 60 6.57 -9.69 -8.15
C ASP A 60 6.40 -9.18 -6.73
N VAL A 61 5.28 -8.50 -6.41
N VAL A 61 5.25 -8.56 -6.47
CA VAL A 61 5.08 -7.98 -5.06
CA VAL A 61 4.93 -8.10 -5.18
C VAL A 61 4.95 -9.21 -4.09
C VAL A 61 4.92 -9.20 -4.10
N PHE A 62 4.26 -10.29 -4.46
CA PHE A 62 4.15 -11.42 -3.51
CA PHE A 62 4.18 -11.40 -3.52
C PHE A 62 5.53 -12.05 -3.21
N HIS A 63 6.41 -12.14 -4.24
CA HIS A 63 7.78 -12.63 -3.87
C HIS A 63 8.47 -11.72 -2.93
N LYS A 64 8.34 -10.38 -3.05
CA LYS A 64 8.98 -9.47 -2.17
C LYS A 64 8.45 -9.55 -0.76
N ILE A 65 7.13 -9.81 -0.61
CA ILE A 65 6.55 -9.91 0.72
C ILE A 65 6.90 -11.31 1.33
N LYS A 66 6.85 -12.38 0.55
CA LYS A 66 7.24 -13.72 1.05
C LYS A 66 8.68 -13.64 1.56
N ALA A 67 9.57 -12.93 0.87
CA ALA A 67 10.99 -12.89 1.33
C ALA A 67 11.15 -12.20 2.63
N LEU A 68 10.20 -11.36 3.12
CA LEU A 68 10.29 -10.78 4.45
C LEU A 68 10.10 -11.87 5.57
N GLY A 69 9.62 -13.02 5.18
CA GLY A 69 9.16 -13.98 6.15
C GLY A 69 7.72 -13.88 6.45
N PHE A 70 6.99 -13.05 5.70
CA PHE A 70 5.52 -12.98 5.90
C PHE A 70 4.89 -14.18 5.26
N ASN A 71 3.69 -14.53 5.79
CA ASN A 71 2.92 -15.64 5.21
C ASN A 71 1.57 -15.26 4.60
N THR A 72 1.23 -13.96 4.77
CA THR A 72 -0.15 -13.54 4.39
C THR A 72 -0.03 -12.13 3.80
N VAL A 73 -1.06 -11.87 2.94
CA VAL A 73 -1.37 -10.51 2.41
C VAL A 73 -2.87 -10.22 2.71
N SER A 74 -3.02 -8.98 3.11
CA SER A 74 -4.39 -8.45 3.30
C SER A 74 -4.72 -7.51 2.15
N PHE A 75 -5.97 -7.57 1.62
CA PHE A 75 -6.31 -6.71 0.51
C PHE A 75 -7.71 -6.20 0.60
N TYR A 76 -7.89 -4.97 0.15
CA TYR A 76 -9.23 -4.39 -0.14
C TYR A 76 -9.68 -4.71 -1.50
N VAL A 77 -11.02 -4.64 -1.73
CA VAL A 77 -11.65 -4.54 -3.06
C VAL A 77 -12.43 -3.23 -3.10
N ASP A 78 -12.24 -2.43 -4.16
CA ASP A 78 -12.91 -1.10 -4.33
C ASP A 78 -14.17 -1.22 -5.17
N TRP A 79 -15.35 -1.20 -4.45
CA TRP A 79 -16.63 -1.36 -5.13
C TRP A 79 -16.87 -0.34 -6.31
N ALA A 80 -16.42 0.88 -6.08
CA ALA A 80 -16.64 1.93 -7.10
C ALA A 80 -16.02 1.53 -8.45
N LEU A 81 -14.99 0.65 -8.46
CA LEU A 81 -14.42 0.28 -9.77
C LEU A 81 -15.12 -0.86 -10.42
N LEU A 82 -15.91 -1.64 -9.60
CA LEU A 82 -16.49 -2.86 -10.07
C LEU A 82 -18.02 -2.77 -10.39
N GLU A 83 -18.66 -1.69 -9.90
CA GLU A 83 -20.10 -1.53 -10.20
C GLU A 83 -20.35 -0.08 -10.49
N GLY A 84 -19.59 0.46 -11.45
CA GLY A 84 -19.76 1.90 -11.79
C GLY A 84 -21.15 2.21 -12.35
N LYS A 85 -21.76 1.23 -13.02
CA LYS A 85 -23.16 1.34 -13.39
C LYS A 85 -24.01 0.53 -12.39
N PRO A 86 -24.96 1.14 -11.67
CA PRO A 86 -25.76 0.36 -10.68
C PRO A 86 -26.41 -0.81 -11.37
N GLY A 87 -26.25 -1.99 -10.78
CA GLY A 87 -26.83 -3.22 -11.30
C GLY A 87 -25.95 -3.99 -12.24
N ARG A 88 -24.78 -3.46 -12.56
CA ARG A 88 -23.87 -4.13 -13.54
C ARG A 88 -22.50 -4.38 -12.90
N PHE A 89 -22.39 -5.45 -12.21
CA PHE A 89 -21.07 -5.81 -11.59
C PHE A 89 -20.15 -6.32 -12.72
N ARG A 90 -18.94 -5.76 -12.75
CA ARG A 90 -17.97 -6.14 -13.82
C ARG A 90 -16.61 -6.21 -13.17
N ALA A 91 -16.02 -7.41 -13.19
CA ALA A 91 -14.63 -7.61 -12.60
C ALA A 91 -13.83 -8.43 -13.61
N ASP A 92 -13.62 -7.89 -14.81
CA ASP A 92 -12.93 -8.57 -15.89
C ASP A 92 -11.65 -7.84 -16.19
N GLY A 93 -10.77 -8.53 -16.95
CA GLY A 93 -9.56 -7.86 -17.40
C GLY A 93 -8.72 -7.42 -16.23
N ILE A 94 -8.28 -6.15 -16.21
CA ILE A 94 -7.44 -5.69 -15.16
C ILE A 94 -8.16 -5.66 -13.78
N PHE A 95 -9.51 -5.80 -13.78
CA PHE A 95 -10.31 -5.76 -12.56
C PHE A 95 -10.59 -7.20 -12.03
N SER A 96 -10.15 -8.23 -12.68
CA SER A 96 -10.33 -9.57 -12.16
C SER A 96 -9.39 -9.81 -10.98
N LEU A 97 -9.89 -10.47 -9.96
CA LEU A 97 -8.99 -10.95 -8.85
C LEU A 97 -8.35 -12.25 -9.18
N GLU A 98 -8.71 -12.93 -10.26
CA GLU A 98 -8.19 -14.31 -10.50
C GLU A 98 -6.64 -14.31 -10.57
N PRO A 99 -5.99 -13.36 -11.29
CA PRO A 99 -4.54 -13.40 -11.29
C PRO A 99 -3.93 -13.06 -9.98
N PHE A 100 -4.62 -12.33 -9.10
CA PHE A 100 -4.14 -11.99 -7.79
C PHE A 100 -4.17 -13.29 -6.92
N PHE A 101 -5.24 -14.03 -6.96
CA PHE A 101 -5.34 -15.30 -6.24
C PHE A 101 -4.33 -16.27 -6.76
N GLU A 102 -4.18 -16.39 -8.10
CA GLU A 102 -3.21 -17.33 -8.68
C GLU A 102 -1.81 -16.91 -8.24
N ALA A 103 -1.45 -15.65 -8.19
CA ALA A 103 -0.11 -15.30 -7.79
C ALA A 103 0.13 -15.61 -6.32
N ALA A 104 -0.93 -15.46 -5.46
CA ALA A 104 -0.76 -15.79 -4.02
C ALA A 104 -0.47 -17.29 -3.92
N THR A 105 -1.17 -18.16 -4.64
CA THR A 105 -0.93 -19.62 -4.55
C THR A 105 0.47 -19.91 -5.08
N LYS A 106 0.91 -19.24 -6.14
CA LYS A 106 2.24 -19.53 -6.73
C LYS A 106 3.35 -19.05 -5.82
N ALA A 107 3.15 -18.03 -5.01
CA ALA A 107 4.13 -17.49 -4.11
C ALA A 107 4.10 -18.22 -2.78
N GLY A 108 3.05 -18.97 -2.47
CA GLY A 108 2.90 -19.59 -1.11
C GLY A 108 2.46 -18.67 -0.03
N ILE A 109 1.56 -17.72 -0.41
CA ILE A 109 1.00 -16.68 0.52
C ILE A 109 -0.52 -16.96 0.68
N TYR A 110 -0.97 -16.78 1.94
CA TYR A 110 -2.43 -16.85 2.26
C TYR A 110 -2.94 -15.39 2.23
N LEU A 111 -4.31 -15.29 2.16
CA LEU A 111 -4.92 -13.94 2.03
C LEU A 111 -5.99 -13.66 3.10
N LEU A 112 -6.04 -12.42 3.56
CA LEU A 112 -7.13 -11.84 4.33
C LEU A 112 -7.91 -10.92 3.36
N ALA A 113 -9.12 -11.34 3.03
CA ALA A 113 -9.93 -10.53 2.05
C ALA A 113 -10.79 -9.51 2.77
N ARG A 114 -10.75 -8.28 2.31
CA ARG A 114 -11.44 -7.17 3.00
C ARG A 114 -12.28 -6.43 1.90
N PRO A 115 -13.44 -6.96 1.51
CA PRO A 115 -14.15 -6.37 0.35
C PRO A 115 -15.06 -5.20 0.71
N GLY A 116 -15.15 -4.80 1.97
CA GLY A 116 -16.03 -3.67 2.31
C GLY A 116 -17.41 -4.19 2.70
N PRO A 117 -18.52 -3.60 2.14
CA PRO A 117 -18.56 -2.65 1.02
C PRO A 117 -17.83 -1.39 1.23
N TYR A 118 -17.80 -0.83 2.41
CA TYR A 118 -17.04 0.37 2.70
C TYR A 118 -15.58 -0.04 3.08
N ILE A 119 -14.60 0.61 2.43
CA ILE A 119 -13.19 0.23 2.74
C ILE A 119 -12.39 1.43 3.24
N ASN A 120 -12.86 2.71 3.09
CA ASN A 120 -12.10 3.90 3.47
C ASN A 120 -10.86 4.02 2.52
N ALA A 121 -9.62 3.62 3.01
CA ALA A 121 -8.48 3.26 2.10
C ALA A 121 -7.92 4.48 1.37
N GLU A 122 -8.34 5.70 1.67
CA GLU A 122 -7.95 6.89 0.92
C GLU A 122 -8.38 6.74 -0.55
N VAL A 123 -9.44 6.03 -0.85
CA VAL A 123 -9.97 5.91 -2.20
C VAL A 123 -11.24 6.84 -2.31
N SER A 124 -11.53 7.18 -3.55
CA SER A 124 -12.75 8.04 -3.80
C SER A 124 -13.99 7.30 -3.23
N GLY A 125 -14.73 8.13 -2.45
CA GLY A 125 -15.96 7.61 -1.80
C GLY A 125 -15.67 6.64 -0.68
N GLY A 126 -14.40 6.42 -0.26
CA GLY A 126 -14.10 5.28 0.63
C GLY A 126 -14.52 4.00 0.08
N GLY A 127 -14.68 3.85 -1.28
CA GLY A 127 -15.12 2.69 -1.96
C GLY A 127 -16.56 2.71 -2.51
N PHE A 128 -17.32 3.66 -1.93
CA PHE A 128 -18.74 3.80 -2.42
C PHE A 128 -18.80 4.40 -3.83
N PRO A 129 -19.50 3.74 -4.70
CA PRO A 129 -19.74 4.42 -6.05
C PRO A 129 -20.47 5.74 -5.89
N GLY A 130 -20.16 6.70 -6.77
CA GLY A 130 -20.81 8.02 -6.68
C GLY A 130 -22.35 7.96 -6.81
N TRP A 131 -22.91 6.95 -7.44
CA TRP A 131 -24.38 6.89 -7.46
C TRP A 131 -24.98 6.67 -6.06
N LEU A 132 -24.21 6.37 -5.01
CA LEU A 132 -24.78 6.40 -3.64
C LEU A 132 -25.16 7.81 -3.20
N GLN A 133 -24.68 8.88 -3.88
CA GLN A 133 -25.17 10.20 -3.54
C GLN A 133 -26.68 10.30 -3.91
N ARG A 134 -27.22 9.41 -4.70
CA ARG A 134 -28.67 9.46 -5.04
C ARG A 134 -29.49 8.61 -4.05
N VAL A 135 -28.80 8.02 -3.04
CA VAL A 135 -29.54 7.17 -2.04
C VAL A 135 -29.83 8.02 -0.84
N LYS A 136 -31.14 8.22 -0.51
CA LYS A 136 -31.46 9.09 0.60
C LYS A 136 -30.97 8.73 2.00
N GLY A 137 -31.08 7.44 2.22
CA GLY A 137 -30.79 6.90 3.57
C GLY A 137 -29.31 7.03 4.07
N LYS A 138 -29.09 7.13 5.35
CA LYS A 138 -27.74 7.24 5.96
C LYS A 138 -26.90 6.02 5.57
N LEU A 139 -25.70 6.34 5.05
CA LEU A 139 -24.76 5.27 4.67
C LEU A 139 -24.18 4.56 5.91
N ARG A 140 -23.89 3.26 5.64
CA ARG A 140 -23.31 2.42 6.71
C ARG A 140 -24.29 2.27 7.94
N THR A 141 -25.60 2.29 7.61
CA THR A 141 -26.67 1.99 8.63
C THR A 141 -27.54 0.99 7.94
N ASP A 142 -28.59 0.58 8.76
CA ASP A 142 -29.63 -0.29 8.19
C ASP A 142 -30.76 0.45 7.46
N ALA A 143 -30.52 1.67 7.02
CA ALA A 143 -31.46 2.26 6.07
C ALA A 143 -31.56 1.31 4.92
N PRO A 144 -32.78 0.92 4.45
CA PRO A 144 -32.89 -0.16 3.56
C PRO A 144 -32.46 0.17 2.13
N ASP A 145 -32.57 1.50 1.78
CA ASP A 145 -32.09 1.88 0.45
C ASP A 145 -30.54 1.69 0.35
N TYR A 146 -29.83 2.06 1.39
CA TYR A 146 -28.34 1.77 1.45
C TYR A 146 -28.11 0.28 1.48
N LEU A 147 -28.77 -0.49 2.40
CA LEU A 147 -28.49 -1.92 2.48
C LEU A 147 -28.71 -2.57 1.20
N HIS A 148 -29.86 -2.34 0.52
CA HIS A 148 -30.12 -3.05 -0.65
C HIS A 148 -29.26 -2.56 -1.84
N ALA A 149 -28.76 -1.34 -1.78
CA ALA A 149 -27.83 -0.90 -2.82
C ALA A 149 -26.52 -1.68 -2.76
N THR A 150 -26.14 -2.27 -1.60
CA THR A 150 -24.93 -3.07 -1.53
C THR A 150 -25.09 -4.47 -1.87
N ASP A 151 -26.34 -5.00 -2.04
CA ASP A 151 -26.52 -6.40 -2.16
C ASP A 151 -25.89 -7.03 -3.40
N ASN A 152 -26.00 -6.42 -4.58
CA ASN A 152 -25.51 -7.01 -5.79
C ASN A 152 -23.93 -7.12 -5.73
N TYR A 153 -23.31 -6.06 -5.27
CA TYR A 153 -21.87 -6.07 -5.15
C TYR A 153 -21.44 -7.15 -4.17
N VAL A 154 -22.02 -7.21 -2.98
CA VAL A 154 -21.48 -8.24 -2.04
C VAL A 154 -21.77 -9.60 -2.53
N ALA A 155 -22.93 -9.90 -3.15
CA ALA A 155 -23.23 -11.21 -3.62
C ALA A 155 -22.19 -11.65 -4.64
N HIS A 156 -21.76 -10.74 -5.54
CA HIS A 156 -20.78 -11.09 -6.55
C HIS A 156 -19.34 -11.17 -5.90
N ILE A 157 -18.92 -10.19 -5.17
CA ILE A 157 -17.50 -10.21 -4.75
C ILE A 157 -17.34 -11.27 -3.68
N ALA A 158 -18.30 -11.52 -2.78
CA ALA A 158 -18.13 -12.58 -1.77
C ALA A 158 -18.23 -13.93 -2.38
N SER A 159 -18.93 -14.15 -3.48
CA SER A 159 -18.94 -15.47 -4.12
CA SER A 159 -18.95 -15.42 -4.19
C SER A 159 -17.56 -15.69 -4.83
N ILE A 160 -16.94 -14.64 -5.44
CA ILE A 160 -15.61 -14.80 -6.05
C ILE A 160 -14.60 -15.09 -4.93
N ILE A 161 -14.65 -14.41 -3.80
CA ILE A 161 -13.74 -14.71 -2.67
C ILE A 161 -14.05 -16.12 -2.16
N ALA A 162 -15.32 -16.53 -2.05
CA ALA A 162 -15.65 -17.82 -1.50
C ALA A 162 -14.97 -18.93 -2.33
N LYS A 163 -14.94 -18.83 -3.65
CA LYS A 163 -14.32 -19.82 -4.50
C LYS A 163 -12.80 -19.90 -4.21
N ALA A 164 -12.19 -18.85 -3.75
CA ALA A 164 -10.75 -18.82 -3.46
C ALA A 164 -10.38 -19.17 -2.00
N GLN A 165 -11.37 -19.61 -1.20
CA GLN A 165 -11.05 -19.97 0.18
C GLN A 165 -10.16 -21.26 0.22
N ILE A 166 -9.39 -21.28 1.31
CA ILE A 166 -8.50 -22.50 1.58
C ILE A 166 -9.30 -23.77 1.65
N THR A 167 -10.59 -23.73 2.05
CA THR A 167 -11.48 -24.87 2.06
C THR A 167 -11.79 -25.40 0.70
N ASN A 168 -11.54 -24.60 -0.35
CA ASN A 168 -11.74 -24.95 -1.80
C ASN A 168 -10.37 -25.07 -2.54
N GLY A 169 -9.26 -25.13 -1.76
CA GLY A 169 -7.95 -25.24 -2.39
C GLY A 169 -7.31 -23.89 -2.82
N GLY A 170 -7.87 -22.75 -2.34
CA GLY A 170 -7.32 -21.45 -2.66
C GLY A 170 -6.62 -20.81 -1.52
N PRO A 171 -6.21 -19.52 -1.68
CA PRO A 171 -5.40 -18.85 -0.69
C PRO A 171 -6.07 -18.13 0.46
N VAL A 172 -7.42 -17.94 0.35
CA VAL A 172 -8.09 -17.04 1.37
C VAL A 172 -8.35 -17.79 2.69
N ILE A 173 -7.86 -17.21 3.77
CA ILE A 173 -8.02 -17.81 5.07
C ILE A 173 -8.86 -17.02 6.07
N LEU A 174 -9.11 -15.72 5.82
CA LEU A 174 -9.84 -14.85 6.75
C LEU A 174 -10.62 -13.85 5.91
N TYR A 175 -11.72 -13.35 6.45
CA TYR A 175 -12.54 -12.35 5.72
C TYR A 175 -12.93 -11.26 6.70
N GLN A 176 -12.79 -9.98 6.30
CA GLN A 176 -13.20 -8.83 7.14
C GLN A 176 -14.46 -8.22 6.55
N PRO A 177 -15.59 -8.21 7.33
CA PRO A 177 -16.83 -7.45 6.83
C PRO A 177 -16.72 -6.02 7.30
N GLU A 178 -17.18 -5.11 6.41
CA GLU A 178 -17.20 -3.69 6.78
C GLU A 178 -15.73 -3.13 7.01
N ASN A 179 -15.58 -2.02 7.65
CA ASN A 179 -14.23 -1.44 7.89
C ASN A 179 -14.25 -0.48 8.99
N GLU A 180 -13.51 -0.70 10.05
CA GLU A 180 -13.27 0.22 11.12
C GLU A 180 -14.62 0.85 11.58
N TYR A 181 -15.52 -0.07 11.92
CA TYR A 181 -16.88 0.33 12.36
C TYR A 181 -16.73 0.63 13.88
N SER A 182 -16.40 1.84 14.23
CA SER A 182 -15.83 2.15 15.50
C SER A 182 -16.47 3.26 16.31
N GLY A 183 -17.33 4.04 15.64
CA GLY A 183 -18.14 5.09 16.31
C GLY A 183 -19.07 5.70 15.29
N ALA A 184 -19.82 6.70 15.79
CA ALA A 184 -20.88 7.32 14.98
C ALA A 184 -21.10 8.73 15.40
N ALA A 185 -21.78 9.47 14.51
CA ALA A 185 -22.14 10.87 14.80
C ALA A 185 -23.10 10.90 16.01
N GLU A 186 -23.18 12.07 16.60
CA GLU A 186 -24.15 12.30 17.72
C GLU A 186 -25.57 11.95 17.32
N GLY A 187 -26.28 11.21 18.17
CA GLY A 187 -27.64 10.85 17.87
C GLY A 187 -27.90 9.65 16.96
N VAL A 188 -26.81 8.98 16.52
CA VAL A 188 -26.94 7.86 15.64
C VAL A 188 -26.66 6.56 16.42
N LEU A 189 -27.56 5.60 16.24
CA LEU A 189 -27.44 4.31 16.96
C LEU A 189 -26.04 3.68 16.71
N PHE A 190 -25.30 3.43 17.79
CA PHE A 190 -24.00 2.73 17.61
C PHE A 190 -23.60 1.98 18.89
N PRO A 191 -23.06 0.75 18.76
CA PRO A 191 -23.02 -0.02 17.56
C PRO A 191 -24.42 -0.40 17.09
N ASN A 192 -24.69 -0.46 15.81
CA ASN A 192 -26.01 -0.85 15.29
C ASN A 192 -25.88 -2.33 14.96
N LYS A 193 -26.37 -3.16 15.92
CA LYS A 193 -26.09 -4.58 15.83
C LYS A 193 -26.89 -5.27 14.69
N PRO A 194 -28.18 -4.82 14.37
CA PRO A 194 -28.82 -5.38 13.22
C PRO A 194 -28.06 -5.02 11.89
N TYR A 195 -27.53 -3.79 11.85
CA TYR A 195 -26.72 -3.45 10.62
C TYR A 195 -25.49 -4.44 10.45
N MET A 196 -24.75 -4.54 11.59
CA MET A 196 -23.58 -5.44 11.58
C MET A 196 -23.94 -6.80 11.17
N GLN A 197 -25.07 -7.34 11.72
CA GLN A 197 -25.44 -8.66 11.38
C GLN A 197 -25.87 -8.85 9.92
N TYR A 198 -26.56 -7.79 9.36
CA TYR A 198 -26.90 -7.91 7.93
C TYR A 198 -25.61 -8.05 7.04
N VAL A 199 -24.60 -7.24 7.39
CA VAL A 199 -23.30 -7.30 6.58
C VAL A 199 -22.67 -8.71 6.71
N ILE A 200 -22.69 -9.28 7.96
CA ILE A 200 -22.21 -10.67 8.10
C ILE A 200 -23.00 -11.64 7.30
N ASP A 201 -24.35 -11.50 7.38
CA ASP A 201 -25.21 -12.41 6.67
C ASP A 201 -25.00 -12.37 5.15
N GLN A 202 -24.70 -11.15 4.63
CA GLN A 202 -24.46 -11.13 3.17
C GLN A 202 -23.22 -12.01 2.78
N ALA A 203 -22.22 -11.92 3.64
CA ALA A 203 -21.00 -12.75 3.34
C ALA A 203 -21.25 -14.26 3.52
N ARG A 204 -21.93 -14.59 4.66
CA ARG A 204 -22.19 -16.02 4.90
C ARG A 204 -23.13 -16.59 3.81
N ASN A 205 -24.12 -15.76 3.40
CA ASN A 205 -25.05 -16.25 2.38
C ASN A 205 -24.38 -16.52 1.07
N ALA A 206 -23.27 -15.79 0.75
CA ALA A 206 -22.52 -15.96 -0.51
C ALA A 206 -21.50 -17.12 -0.42
N GLY A 207 -21.40 -17.78 0.74
CA GLY A 207 -20.53 -18.99 0.85
C GLY A 207 -19.26 -18.73 1.63
N ILE A 208 -19.07 -17.60 2.30
CA ILE A 208 -17.89 -17.42 3.10
C ILE A 208 -18.04 -18.24 4.32
N ILE A 209 -17.07 -19.18 4.54
CA ILE A 209 -17.08 -20.05 5.72
C ILE A 209 -15.83 -19.90 6.56
N VAL A 210 -14.80 -19.16 6.09
CA VAL A 210 -13.63 -18.98 6.92
C VAL A 210 -13.93 -18.03 8.06
N PRO A 211 -13.09 -17.81 9.02
CA PRO A 211 -13.41 -16.93 10.13
C PRO A 211 -13.54 -15.47 9.69
N LEU A 212 -14.40 -14.76 10.41
CA LEU A 212 -14.59 -13.33 10.21
C LEU A 212 -13.82 -12.56 11.24
N ILE A 213 -13.06 -11.52 10.84
CA ILE A 213 -12.23 -10.68 11.70
C ILE A 213 -12.54 -9.20 11.48
N ASN A 214 -12.50 -8.40 12.51
CA ASN A 214 -12.78 -6.98 12.30
C ASN A 214 -11.55 -6.13 12.59
N ASN A 215 -11.68 -4.79 12.52
CA ASN A 215 -10.56 -3.87 12.54
C ASN A 215 -10.95 -2.58 13.22
N ASP A 216 -11.36 -2.71 14.50
CA ASP A 216 -11.78 -1.54 15.29
C ASP A 216 -10.67 -0.49 15.36
N ALA A 217 -10.94 0.81 15.35
CA ALA A 217 -9.92 1.81 15.37
C ALA A 217 -9.06 1.77 16.59
N PHE A 218 -9.66 1.36 17.71
CA PHE A 218 -9.00 1.29 18.98
C PHE A 218 -9.71 0.16 19.71
N PRO A 219 -9.22 -0.23 20.92
CA PRO A 219 -9.85 -1.37 21.58
C PRO A 219 -11.17 -0.91 22.28
N GLY A 220 -12.19 -0.68 21.46
CA GLY A 220 -13.52 -0.26 21.90
C GLY A 220 -14.40 -1.46 22.15
N GLY A 221 -14.03 -2.66 21.74
CA GLY A 221 -14.86 -3.84 21.87
C GLY A 221 -15.96 -4.02 20.87
N THR A 222 -16.08 -3.13 19.87
CA THR A 222 -17.23 -3.30 18.98
C THR A 222 -17.16 -4.57 18.18
N GLY A 223 -18.19 -5.39 18.09
CA GLY A 223 -18.21 -6.61 17.34
C GLY A 223 -17.43 -7.79 18.02
N ALA A 224 -16.91 -7.56 19.24
CA ALA A 224 -16.15 -8.67 19.88
C ALA A 224 -17.01 -9.87 20.09
N PRO A 225 -16.42 -11.08 20.10
CA PRO A 225 -17.14 -12.25 20.67
C PRO A 225 -17.73 -11.99 22.00
N GLY A 226 -18.97 -12.46 22.16
CA GLY A 226 -19.63 -12.16 23.44
C GLY A 226 -20.61 -11.01 23.38
N THR A 227 -20.56 -10.19 22.32
CA THR A 227 -21.44 -8.98 22.21
C THR A 227 -22.71 -9.38 21.47
N GLY A 228 -22.94 -10.62 21.10
CA GLY A 228 -24.23 -11.02 20.60
C GLY A 228 -24.42 -10.71 19.12
N LEU A 229 -25.55 -10.08 18.74
CA LEU A 229 -25.91 -9.90 17.37
C LEU A 229 -24.80 -8.97 16.80
N GLY A 230 -24.41 -9.38 15.58
CA GLY A 230 -23.37 -8.61 14.83
C GLY A 230 -21.92 -8.90 15.18
N SER A 231 -21.67 -9.85 16.07
CA SER A 231 -20.27 -10.18 16.50
C SER A 231 -19.57 -11.00 15.42
N VAL A 232 -18.23 -10.71 15.35
CA VAL A 232 -17.35 -11.52 14.44
C VAL A 232 -16.69 -12.63 15.19
N ASP A 233 -15.87 -13.44 14.52
CA ASP A 233 -15.21 -14.57 15.18
C ASP A 233 -13.97 -14.20 15.98
N ILE A 234 -13.17 -13.30 15.39
CA ILE A 234 -11.91 -12.87 16.02
C ILE A 234 -11.90 -11.35 16.12
N TYR A 235 -11.74 -10.81 17.30
CA TYR A 235 -11.76 -9.36 17.46
C TYR A 235 -10.40 -8.78 17.04
N GLY A 236 -10.39 -7.79 16.16
CA GLY A 236 -9.19 -7.17 15.69
C GLY A 236 -9.23 -5.71 15.95
N HIS A 237 -8.09 -5.00 16.12
CA HIS A 237 -8.10 -3.59 16.15
C HIS A 237 -6.87 -3.03 15.42
N ASP A 238 -6.79 -1.70 15.39
CA ASP A 238 -5.76 -1.04 14.56
C ASP A 238 -4.79 -0.31 15.47
N GLY A 239 -3.70 0.22 14.85
CA GLY A 239 -2.79 1.05 15.54
C GLY A 239 -2.03 1.96 14.57
N TYR A 240 -2.15 3.27 14.78
CA TYR A 240 -1.37 4.22 14.02
C TYR A 240 -0.81 5.24 15.01
N PRO A 241 0.15 4.82 15.85
CA PRO A 241 0.47 5.60 17.02
C PRO A 241 1.15 6.90 16.74
N LEU A 242 1.77 7.05 15.56
CA LEU A 242 2.43 8.35 15.27
C LEU A 242 1.52 9.22 14.43
N GLY A 243 0.34 8.75 14.11
CA GLY A 243 -0.52 9.60 13.25
C GLY A 243 -0.08 9.66 11.82
N PHE A 244 -0.67 10.63 11.12
CA PHE A 244 -0.51 10.65 9.67
C PHE A 244 0.15 11.88 9.12
N ASP A 245 0.54 12.78 10.00
CA ASP A 245 1.18 14.04 9.57
C ASP A 245 2.71 13.85 9.67
N CYS A 246 3.40 13.97 8.53
CA CYS A 246 4.83 13.60 8.44
C CYS A 246 5.66 14.91 8.49
N ALA A 247 5.13 15.99 9.12
CA ALA A 247 5.88 17.25 9.23
C ALA A 247 7.22 17.21 9.93
N HIS A 248 7.32 16.31 10.91
CA HIS A 248 8.50 16.25 11.81
C HIS A 248 8.90 14.78 11.98
N PRO A 249 9.60 14.23 11.02
CA PRO A 249 9.82 12.78 11.03
C PRO A 249 10.75 12.27 12.11
N SER A 250 11.48 13.14 12.78
N SER A 250 11.47 13.12 12.80
CA SER A 250 12.31 12.74 13.91
CA SER A 250 12.27 12.62 13.91
C SER A 250 11.53 12.71 15.21
C SER A 250 11.55 12.76 15.24
N ALA A 251 10.36 13.37 15.27
CA ALA A 251 9.67 13.61 16.55
C ALA A 251 8.78 12.42 16.88
N TRP A 252 9.03 11.80 18.04
CA TRP A 252 8.21 10.77 18.53
C TRP A 252 7.69 11.31 19.89
N PRO A 253 6.46 11.66 19.92
CA PRO A 253 6.02 12.40 21.12
C PRO A 253 5.74 11.56 22.35
N ASP A 254 5.80 12.25 23.47
CA ASP A 254 5.55 11.60 24.75
C ASP A 254 4.19 10.93 24.74
N ASN A 255 4.13 9.77 25.31
CA ASN A 255 2.91 8.97 25.29
C ASN A 255 2.53 8.36 23.98
N GLY A 256 3.46 8.36 23.02
CA GLY A 256 3.10 7.75 21.72
C GLY A 256 3.11 6.21 21.71
N LEU A 257 3.87 5.56 22.58
CA LEU A 257 4.02 4.10 22.46
C LEU A 257 2.81 3.46 23.16
N PRO A 258 2.09 2.54 22.49
CA PRO A 258 0.94 1.90 23.21
C PRO A 258 1.40 0.95 24.32
N THR A 259 0.93 1.10 25.54
CA THR A 259 1.41 0.25 26.61
C THR A 259 0.27 -0.55 27.26
N THR A 260 -0.95 -0.47 26.73
CA THR A 260 -2.10 -1.07 27.43
C THR A 260 -2.75 -2.22 26.66
N TRP A 261 -2.20 -2.57 25.50
CA TRP A 261 -2.92 -3.46 24.62
C TRP A 261 -3.02 -4.90 25.10
N ARG A 262 -2.02 -5.43 25.83
CA ARG A 262 -2.20 -6.75 26.38
C ARG A 262 -3.43 -6.79 27.36
N GLN A 263 -3.48 -5.81 28.25
CA GLN A 263 -4.58 -5.79 29.27
C GLN A 263 -5.89 -5.46 28.55
N ASP A 264 -5.87 -4.56 27.53
CA ASP A 264 -7.09 -4.28 26.78
C ASP A 264 -7.57 -5.56 26.08
N HIS A 265 -6.65 -6.39 25.53
CA HIS A 265 -7.07 -7.61 24.89
C HIS A 265 -7.77 -8.56 25.91
N LEU A 266 -7.13 -8.69 27.10
CA LEU A 266 -7.72 -9.59 28.10
C LEU A 266 -9.07 -9.09 28.58
N ASN A 267 -9.29 -7.77 28.52
CA ASN A 267 -10.57 -7.18 28.97
C ASN A 267 -11.63 -7.31 27.90
N ILE A 268 -11.27 -7.44 26.63
CA ILE A 268 -12.27 -7.41 25.49
C ILE A 268 -12.49 -8.72 24.91
N SER A 269 -11.42 -9.49 24.51
CA SER A 269 -11.62 -10.73 23.78
C SER A 269 -10.51 -11.73 24.13
N PRO A 270 -10.49 -12.20 25.38
CA PRO A 270 -9.39 -13.12 25.79
C PRO A 270 -9.50 -14.45 25.11
N SER A 271 -10.62 -14.86 24.52
CA SER A 271 -10.76 -16.14 23.90
C SER A 271 -10.16 -16.25 22.49
N THR A 272 -9.71 -15.06 21.94
CA THR A 272 -9.25 -15.11 20.57
C THR A 272 -7.83 -14.52 20.51
N PRO A 273 -7.15 -14.80 19.36
CA PRO A 273 -5.74 -14.28 19.34
C PRO A 273 -5.60 -12.79 19.32
N PHE A 274 -4.65 -12.22 19.99
CA PHE A 274 -4.42 -10.77 19.91
C PHE A 274 -4.05 -10.38 18.46
N SER A 275 -4.91 -9.52 17.86
CA SER A 275 -4.84 -9.30 16.44
C SER A 275 -4.79 -7.80 16.16
N LEU A 276 -3.76 -7.33 15.43
CA LEU A 276 -3.63 -5.97 14.95
C LEU A 276 -3.83 -6.10 13.47
N VAL A 277 -5.08 -5.81 13.00
CA VAL A 277 -5.50 -6.08 11.66
C VAL A 277 -4.99 -4.90 10.75
N GLU A 278 -4.71 -3.73 11.30
CA GLU A 278 -3.92 -2.73 10.56
C GLU A 278 -2.99 -2.16 11.56
N PHE A 279 -1.67 -2.18 11.27
CA PHE A 279 -0.74 -1.46 12.12
C PHE A 279 0.18 -0.63 11.21
N GLN A 280 0.49 0.56 11.65
CA GLN A 280 1.21 1.58 10.85
C GLN A 280 2.45 1.09 10.13
N GLY A 281 2.42 1.13 8.82
CA GLY A 281 3.56 0.84 7.91
C GLY A 281 3.95 2.10 7.12
N GLY A 282 3.33 3.23 7.38
CA GLY A 282 3.68 4.49 6.71
C GLY A 282 2.61 5.46 7.06
N ALA A 283 2.28 6.37 6.13
CA ALA A 283 1.18 7.34 6.40
C ALA A 283 0.68 7.73 5.04
N PHE A 284 -0.55 8.23 4.99
CA PHE A 284 -1.07 8.91 3.76
C PHE A 284 -0.52 10.35 3.78
N ASP A 285 -0.74 11.06 2.66
CA ASP A 285 -0.16 12.41 2.48
C ASP A 285 -1.19 13.18 1.58
N PRO A 286 -1.55 14.41 2.01
CA PRO A 286 -2.56 15.19 1.25
C PRO A 286 -1.88 15.98 0.12
N PHE A 287 -2.76 16.53 -0.77
CA PHE A 287 -2.25 17.66 -1.55
C PHE A 287 -1.70 18.70 -0.61
N GLY A 288 -0.62 19.36 -1.05
CA GLY A 288 0.09 20.25 -0.20
C GLY A 288 0.90 19.63 0.96
N GLY A 289 1.05 18.28 0.92
CA GLY A 289 1.74 17.52 2.03
C GLY A 289 3.22 17.55 1.85
N TRP A 290 3.82 16.62 2.56
CA TRP A 290 5.27 16.62 2.80
C TRP A 290 6.01 15.72 1.82
N GLY A 291 5.29 14.88 1.05
CA GLY A 291 5.86 13.87 0.19
C GLY A 291 6.11 12.55 0.92
N PHE A 292 6.03 11.49 0.20
CA PHE A 292 6.20 10.16 0.84
C PHE A 292 7.60 9.80 1.22
N GLU A 293 8.61 10.50 0.69
CA GLU A 293 9.96 10.28 1.25
C GLU A 293 10.00 10.70 2.66
N GLN A 294 9.39 11.83 3.03
CA GLN A 294 9.36 12.31 4.38
C GLN A 294 8.46 11.35 5.27
N CYS A 295 7.37 10.75 4.71
CA CYS A 295 6.62 9.78 5.48
C CYS A 295 7.52 8.55 5.78
N SER A 296 8.31 8.11 4.82
CA SER A 296 9.16 6.93 5.01
C SER A 296 10.22 7.25 6.10
N ALA A 297 10.63 8.51 6.27
CA ALA A 297 11.60 8.90 7.31
C ALA A 297 10.97 8.86 8.68
N LEU A 298 9.66 9.12 8.79
CA LEU A 298 8.96 9.02 10.07
C LEU A 298 8.77 7.53 10.35
N VAL A 299 8.18 6.76 9.48
CA VAL A 299 7.92 5.32 9.75
C VAL A 299 9.05 4.51 9.15
N ASN A 300 10.22 4.71 9.79
CA ASN A 300 11.45 4.13 9.26
C ASN A 300 11.87 2.86 9.96
N HIS A 301 13.11 2.38 9.75
CA HIS A 301 13.53 1.10 10.35
C HIS A 301 13.57 1.23 11.89
N GLU A 302 13.81 2.41 12.45
CA GLU A 302 13.85 2.61 13.92
C GLU A 302 12.44 2.47 14.45
N PHE A 303 11.46 3.10 13.75
CA PHE A 303 10.04 2.88 14.13
C PHE A 303 9.72 1.42 14.12
N GLU A 304 10.10 0.67 13.09
CA GLU A 304 9.75 -0.73 13.07
C GLU A 304 10.35 -1.50 14.25
N ARG A 305 11.64 -1.29 14.54
CA ARG A 305 12.20 -2.11 15.62
C ARG A 305 11.63 -1.74 16.97
N VAL A 306 11.31 -0.49 17.26
CA VAL A 306 10.74 -0.16 18.58
C VAL A 306 9.27 -0.55 18.65
N PHE A 307 8.46 -0.07 17.68
CA PHE A 307 6.99 -0.25 17.76
C PHE A 307 6.60 -1.65 17.41
N TYR A 308 7.25 -2.35 16.44
CA TYR A 308 6.76 -3.66 16.11
C TYR A 308 7.15 -4.71 17.19
N LYS A 309 8.33 -4.51 17.75
CA LYS A 309 8.71 -5.42 18.89
C LYS A 309 7.85 -5.12 20.14
N ASN A 310 7.34 -3.89 20.24
CA ASN A 310 6.41 -3.58 21.34
C ASN A 310 5.10 -4.32 21.15
N ASN A 311 4.67 -4.61 19.93
CA ASN A 311 3.53 -5.43 19.70
C ASN A 311 3.76 -6.91 20.00
N MET A 312 4.99 -7.39 19.73
CA MET A 312 5.36 -8.68 20.18
C MET A 312 5.41 -8.77 21.72
N ALA A 313 5.75 -7.71 22.38
CA ALA A 313 5.73 -7.61 23.85
C ALA A 313 4.32 -7.93 24.40
N ALA A 314 3.28 -7.59 23.59
CA ALA A 314 1.89 -7.88 23.98
C ALA A 314 1.37 -9.14 23.43
N GLY A 315 2.20 -9.96 22.77
CA GLY A 315 1.83 -11.23 22.22
C GLY A 315 0.95 -11.21 20.97
N VAL A 316 1.20 -10.19 20.11
CA VAL A 316 0.40 -10.20 18.87
C VAL A 316 0.67 -11.48 18.09
N THR A 317 -0.34 -12.18 17.57
CA THR A 317 -0.14 -13.33 16.71
C THR A 317 -0.86 -13.30 15.36
N ILE A 318 -1.68 -12.17 15.15
CA ILE A 318 -2.16 -11.83 13.76
C ILE A 318 -1.82 -10.39 13.62
N PHE A 319 -0.89 -10.10 12.70
CA PHE A 319 -0.25 -8.75 12.64
C PHE A 319 -0.13 -8.39 11.20
N ASN A 320 -0.84 -7.34 10.78
CA ASN A 320 -0.84 -6.88 9.37
C ASN A 320 -0.39 -5.44 9.29
N ILE A 321 0.60 -5.27 8.42
CA ILE A 321 1.26 -3.91 8.19
C ILE A 321 0.60 -3.17 6.98
N TYR A 322 -0.04 -2.05 7.37
CA TYR A 322 -0.79 -1.24 6.38
C TYR A 322 0.00 0.08 6.21
N MET A 323 0.51 0.35 4.99
CA MET A 323 0.62 -0.48 3.77
C MET A 323 2.00 -1.24 3.76
N THR A 324 2.04 -2.33 3.05
CA THR A 324 3.38 -2.97 2.75
C THR A 324 3.79 -2.62 1.32
N PHE A 325 2.83 -2.64 0.36
CA PHE A 325 3.07 -2.04 -0.95
C PHE A 325 1.81 -1.20 -1.25
N GLY A 326 2.04 0.07 -1.50
CA GLY A 326 0.91 1.07 -1.71
C GLY A 326 0.42 1.18 -3.12
N GLY A 327 1.30 1.26 -4.10
CA GLY A 327 0.83 1.43 -5.54
C GLY A 327 0.45 2.92 -5.74
N THR A 328 -0.48 2.96 -6.73
CA THR A 328 -0.81 4.33 -7.31
C THR A 328 -2.35 4.47 -7.44
N ASN A 329 -2.74 5.73 -7.15
CA ASN A 329 -4.18 6.14 -7.39
C ASN A 329 -4.37 6.56 -8.87
N TRP A 330 -4.20 5.65 -9.76
CA TRP A 330 -4.35 5.93 -11.19
C TRP A 330 -5.81 6.17 -11.47
N GLY A 331 -6.11 6.81 -12.60
CA GLY A 331 -7.48 6.85 -13.12
C GLY A 331 -8.49 7.41 -12.09
N ASN A 332 -8.09 8.47 -11.40
CA ASN A 332 -8.98 9.13 -10.46
C ASN A 332 -9.55 8.23 -9.38
N LEU A 333 -8.85 7.13 -9.00
CA LEU A 333 -9.52 6.29 -8.02
C LEU A 333 -9.31 6.83 -6.62
N GLY A 334 -8.47 7.79 -6.33
CA GLY A 334 -8.20 8.29 -5.00
C GLY A 334 -9.18 9.31 -4.46
N HIS A 335 -9.16 9.56 -3.15
CA HIS A 335 -9.96 10.59 -2.56
C HIS A 335 -9.31 11.95 -2.60
N PRO A 336 -10.07 13.03 -2.30
CA PRO A 336 -9.50 14.41 -2.39
C PRO A 336 -8.47 14.66 -1.36
N GLY A 337 -8.47 13.84 -0.23
CA GLY A 337 -7.47 14.07 0.78
C GLY A 337 -6.09 13.47 0.54
N GLY A 338 -5.89 12.96 -0.67
CA GLY A 338 -4.61 12.47 -1.16
C GLY A 338 -4.45 12.85 -2.60
N TYR A 339 -3.34 12.50 -3.19
CA TYR A 339 -2.98 12.84 -4.59
C TYR A 339 -2.68 11.59 -5.35
N THR A 340 -1.98 11.64 -6.49
CA THR A 340 -1.87 10.45 -7.32
C THR A 340 -1.07 9.30 -6.64
N SER A 341 0.06 9.64 -6.03
CA SER A 341 0.88 8.54 -5.44
C SER A 341 0.14 7.96 -4.23
N TYR A 342 0.32 6.64 -4.08
CA TYR A 342 -0.06 6.02 -2.76
C TYR A 342 1.22 5.23 -2.28
N ASP A 343 2.41 5.81 -2.47
CA ASP A 343 3.62 5.09 -1.97
C ASP A 343 3.53 4.85 -0.49
N TYR A 344 2.90 5.72 0.24
CA TYR A 344 2.61 5.54 1.65
C TYR A 344 3.88 5.53 2.55
N GLY A 345 5.08 5.80 1.95
CA GLY A 345 6.31 5.60 2.77
C GLY A 345 6.51 4.10 3.08
N ALA A 346 5.90 3.22 2.38
CA ALA A 346 5.87 1.74 2.75
C ALA A 346 7.24 1.08 2.57
N SER A 347 7.34 -0.12 3.11
CA SER A 347 8.58 -0.90 2.97
C SER A 347 8.88 -1.25 1.55
N ILE A 348 7.86 -1.49 0.69
CA ILE A 348 8.02 -1.69 -0.74
C ILE A 348 7.56 -0.39 -1.40
N ARG A 349 8.43 0.27 -2.18
CA ARG A 349 8.03 1.54 -2.81
C ARG A 349 6.98 1.29 -3.92
N GLU A 350 6.39 2.51 -4.26
CA GLU A 350 5.39 2.51 -5.37
C GLU A 350 5.84 1.83 -6.61
N ASP A 351 7.17 2.00 -6.93
CA ASP A 351 7.75 1.38 -8.12
C ASP A 351 8.35 -0.01 -7.87
N ARG A 352 7.99 -0.57 -6.70
CA ARG A 352 8.25 -1.97 -6.29
C ARG A 352 9.70 -2.17 -5.81
N ARG A 353 10.51 -1.12 -5.68
CA ARG A 353 11.88 -1.31 -5.20
C ARG A 353 11.83 -1.54 -3.70
N ILE A 354 12.80 -2.38 -3.28
CA ILE A 354 12.92 -2.81 -1.86
C ILE A 354 14.30 -2.38 -1.38
N ASP A 355 14.70 -1.15 -1.66
CA ASP A 355 15.93 -0.57 -1.15
C ASP A 355 15.78 0.09 0.16
N ARG A 356 14.61 0.49 0.64
CA ARG A 356 14.54 1.18 1.94
C ARG A 356 15.06 0.29 3.07
N GLU A 357 15.75 0.96 4.01
CA GLU A 357 16.30 0.15 5.16
C GLU A 357 15.19 -0.55 5.94
N LYS A 358 14.01 0.12 6.03
CA LYS A 358 12.90 -0.50 6.74
C LYS A 358 12.51 -1.82 6.13
N TYR A 359 12.68 -2.09 4.83
CA TYR A 359 12.36 -3.40 4.26
C TYR A 359 13.29 -4.47 4.91
N SER A 360 14.59 -4.18 4.94
CA SER A 360 15.53 -5.19 5.47
C SER A 360 15.31 -5.41 6.98
N GLU A 361 15.01 -4.37 7.72
CA GLU A 361 14.68 -4.52 9.16
C GLU A 361 13.45 -5.34 9.35
N LEU A 362 12.42 -5.15 8.50
CA LEU A 362 11.18 -5.96 8.65
C LEU A 362 11.49 -7.39 8.37
N LYS A 363 12.36 -7.73 7.37
CA LYS A 363 12.74 -9.07 7.13
C LYS A 363 13.41 -9.75 8.38
N LEU A 364 14.19 -9.02 9.13
CA LEU A 364 14.82 -9.66 10.31
C LEU A 364 13.72 -10.13 11.27
N GLN A 365 12.64 -9.34 11.39
CA GLN A 365 11.56 -9.68 12.31
C GLN A 365 10.70 -10.79 11.78
N GLY A 366 10.34 -10.82 10.46
CA GLY A 366 9.54 -11.88 9.94
C GLY A 366 10.25 -13.23 10.05
N GLN A 367 11.56 -13.20 9.70
CA GLN A 367 12.34 -14.47 9.71
C GLN A 367 12.50 -14.99 11.16
N PHE A 368 12.65 -14.11 12.14
CA PHE A 368 12.71 -14.56 13.53
C PHE A 368 11.40 -15.25 13.94
N LEU A 369 10.26 -14.59 13.63
CA LEU A 369 9.02 -15.15 14.27
C LEU A 369 8.71 -16.46 13.66
N LYS A 370 8.96 -16.70 12.34
CA LYS A 370 8.58 -17.91 11.73
C LYS A 370 9.38 -19.22 12.13
N VAL A 371 10.46 -18.98 12.92
CA VAL A 371 11.23 -20.15 13.43
C VAL A 371 11.07 -20.21 14.90
N SER A 372 10.12 -19.47 15.52
CA SER A 372 10.02 -19.32 16.95
C SER A 372 8.62 -19.75 17.51
N PRO A 373 8.25 -21.00 17.36
CA PRO A 373 6.89 -21.43 17.83
C PRO A 373 6.70 -21.24 19.31
N GLY A 374 7.74 -21.21 20.15
CA GLY A 374 7.58 -20.92 21.55
C GLY A 374 7.00 -19.58 21.82
N TYR A 375 7.17 -18.59 20.93
CA TYR A 375 6.64 -17.29 21.20
C TYR A 375 5.09 -17.33 21.24
N ILE A 376 4.49 -18.29 20.53
CA ILE A 376 3.02 -18.29 20.42
C ILE A 376 2.45 -18.68 21.76
N THR A 377 3.08 -19.61 22.46
CA THR A 377 2.41 -20.06 23.67
C THR A 377 3.01 -19.51 24.95
N ALA A 378 4.02 -18.65 24.86
CA ALA A 378 4.46 -17.89 25.98
C ALA A 378 3.33 -16.92 26.41
N THR A 379 3.28 -16.58 27.67
CA THR A 379 2.26 -15.64 28.12
C THR A 379 2.87 -14.29 28.38
N PRO A 380 2.37 -13.20 27.75
CA PRO A 380 2.89 -11.88 27.94
C PRO A 380 2.48 -11.41 29.33
N GLU A 381 3.36 -10.79 30.06
CA GLU A 381 3.06 -10.19 31.34
C GLU A 381 3.28 -8.73 31.33
N ASN A 382 2.97 -8.06 32.44
CA ASN A 382 3.13 -6.62 32.51
C ASN A 382 4.57 -6.17 32.24
N ALA A 383 4.74 -5.01 31.66
CA ALA A 383 6.05 -4.39 31.49
C ALA A 383 6.63 -4.11 32.88
N THR A 384 7.96 -4.13 32.94
CA THR A 384 8.65 -3.93 34.19
C THR A 384 9.81 -2.96 34.05
N GLN A 385 10.30 -2.41 35.18
CA GLN A 385 11.38 -1.52 35.20
C GLN A 385 12.23 -1.79 36.44
N GLY A 386 13.47 -2.28 36.27
CA GLY A 386 14.28 -2.60 37.44
C GLY A 386 14.03 -3.98 38.05
N VAL A 387 13.36 -4.90 37.36
CA VAL A 387 13.00 -6.21 37.80
C VAL A 387 13.87 -7.29 37.09
N TYR A 388 13.91 -7.28 35.75
CA TYR A 388 14.75 -8.12 34.89
C TYR A 388 16.05 -7.46 34.55
N SER A 389 16.32 -6.29 35.14
CA SER A 389 17.66 -5.64 35.05
C SER A 389 17.84 -4.82 36.26
N ASP A 390 19.09 -4.73 36.74
CA ASP A 390 19.32 -3.81 37.85
C ASP A 390 19.09 -2.36 37.40
N SER A 391 19.39 -2.03 36.13
CA SER A 391 19.20 -0.70 35.57
C SER A 391 17.71 -0.34 35.48
N GLN A 392 17.39 0.90 35.86
CA GLN A 392 16.03 1.45 35.69
C GLN A 392 15.91 2.26 34.43
N ASN A 393 16.97 2.34 33.61
CA ASN A 393 16.91 3.12 32.38
C ASN A 393 16.33 2.38 31.18
N ILE A 394 16.02 1.10 31.37
CA ILE A 394 15.37 0.30 30.34
C ILE A 394 14.12 -0.38 30.93
N VAL A 395 13.17 -0.59 30.04
CA VAL A 395 11.95 -1.32 30.38
C VAL A 395 12.00 -2.66 29.69
N ILE A 396 11.54 -3.71 30.35
CA ILE A 396 11.57 -5.03 29.86
C ILE A 396 10.21 -5.69 30.03
N THR A 397 9.65 -6.22 28.95
CA THR A 397 8.39 -6.91 29.01
C THR A 397 8.62 -8.37 28.79
N PRO A 398 8.27 -9.21 29.78
CA PRO A 398 8.51 -10.64 29.70
C PRO A 398 7.36 -11.42 29.04
N LEU A 399 7.64 -12.47 28.30
CA LEU A 399 6.71 -13.45 27.79
C LEU A 399 7.22 -14.77 28.40
N LEU A 400 6.42 -15.41 29.27
CA LEU A 400 6.95 -16.48 30.10
C LEU A 400 6.21 -17.78 29.89
N ALA A 401 6.96 -18.87 30.02
CA ALA A 401 6.40 -20.22 29.88
C ALA A 401 7.13 -21.14 30.84
N LYS A 402 6.49 -22.24 31.22
CA LYS A 402 7.15 -23.20 32.13
C LYS A 402 8.44 -23.80 31.60
N GLU A 403 8.38 -24.27 30.36
CA GLU A 403 9.51 -25.01 29.80
C GLU A 403 9.85 -24.69 28.30
N SER A 404 8.88 -24.12 27.57
CA SER A 404 8.98 -24.00 26.10
C SER A 404 9.78 -22.75 25.65
N GLY A 405 10.25 -21.96 26.59
CA GLY A 405 11.12 -20.83 26.35
C GLY A 405 10.52 -19.50 26.67
N ASP A 406 11.34 -18.58 27.17
CA ASP A 406 10.87 -17.24 27.50
C ASP A 406 11.48 -16.18 26.53
N PHE A 407 10.77 -15.04 26.37
CA PHE A 407 11.23 -13.96 25.52
C PHE A 407 11.19 -12.68 26.29
N PHE A 408 12.05 -11.71 26.06
CA PHE A 408 12.14 -10.50 26.86
C PHE A 408 12.35 -9.33 25.96
N VAL A 409 11.34 -8.44 25.82
CA VAL A 409 11.50 -7.27 24.95
C VAL A 409 12.04 -6.15 25.75
N VAL A 410 13.21 -5.65 25.33
CA VAL A 410 13.94 -4.57 25.97
C VAL A 410 13.81 -3.29 25.21
N ARG A 411 13.49 -2.21 25.87
CA ARG A 411 13.52 -0.87 25.22
C ARG A 411 14.00 0.20 26.14
N HIS A 412 14.32 1.39 25.67
CA HIS A 412 14.66 2.47 26.58
C HIS A 412 13.39 2.83 27.39
N ALA A 413 13.57 3.27 28.62
CA ALA A 413 12.44 3.67 29.48
C ALA A 413 11.65 4.84 28.88
N ASN A 414 12.36 5.83 28.34
CA ASN A 414 11.73 6.81 27.46
C ASN A 414 11.83 6.16 26.07
N TYR A 415 10.71 5.67 25.54
CA TYR A 415 10.77 4.88 24.26
C TYR A 415 11.31 5.73 23.09
N SER A 416 11.23 7.04 23.16
CA SER A 416 11.73 7.95 22.15
C SER A 416 13.26 8.16 22.16
N SER A 417 13.88 7.72 23.31
CA SER A 417 15.27 8.11 23.52
C SER A 417 16.23 7.76 22.36
N THR A 418 17.07 8.73 22.03
CA THR A 418 18.12 8.46 21.06
C THR A 418 19.48 8.22 21.77
N ASP A 419 19.41 8.12 23.11
CA ASP A 419 20.66 7.90 23.90
C ASP A 419 21.11 6.43 23.82
N THR A 420 22.35 6.19 24.24
CA THR A 420 22.83 4.80 24.32
C THR A 420 22.88 4.39 25.79
N ALA A 421 22.35 3.22 26.15
CA ALA A 421 22.37 2.76 27.54
C ALA A 421 23.22 1.52 27.61
N SER A 422 23.93 1.36 28.75
CA SER A 422 24.65 0.15 29.12
C SER A 422 23.85 -0.58 30.14
N TYR A 423 23.73 -1.92 30.04
CA TYR A 423 22.91 -2.64 31.00
C TYR A 423 23.34 -4.08 31.07
N THR A 424 22.79 -4.80 32.01
CA THR A 424 22.84 -6.25 32.07
C THR A 424 21.40 -6.72 32.38
N VAL A 425 21.13 -7.96 32.23
CA VAL A 425 19.83 -8.53 32.50
C VAL A 425 19.92 -9.63 33.53
N LYS A 426 18.83 -9.88 34.26
CA LYS A 426 18.74 -11.02 35.17
C LYS A 426 17.52 -11.80 34.77
N LEU A 427 17.69 -12.99 34.18
CA LEU A 427 16.63 -13.68 33.48
C LEU A 427 16.41 -15.08 34.03
N PRO A 428 15.14 -15.51 34.17
CA PRO A 428 14.88 -16.89 34.54
C PRO A 428 15.25 -17.88 33.46
N THR A 429 15.86 -19.01 33.82
CA THR A 429 16.25 -20.02 32.92
C THR A 429 16.01 -21.38 33.58
N SER A 430 16.10 -22.42 32.80
CA SER A 430 16.01 -23.78 33.37
C SER A 430 17.18 -24.05 34.36
N ALA A 431 18.27 -23.31 34.29
CA ALA A 431 19.42 -23.48 35.20
C ALA A 431 19.35 -22.48 36.40
N GLY A 432 18.19 -21.80 36.56
CA GLY A 432 17.96 -20.75 37.55
C GLY A 432 18.10 -19.33 37.03
N ASP A 433 18.02 -18.36 37.90
CA ASP A 433 18.05 -16.93 37.51
C ASP A 433 19.50 -16.59 37.29
N LEU A 434 19.83 -15.97 36.15
CA LEU A 434 21.20 -15.63 35.80
C LEU A 434 21.34 -14.21 35.45
N THR A 435 22.34 -13.52 35.94
CA THR A 435 22.70 -12.17 35.46
C THR A 435 23.63 -12.36 34.26
N ILE A 436 23.22 -11.81 33.13
CA ILE A 436 23.93 -11.99 31.90
C ILE A 436 24.37 -10.60 31.46
N PRO A 437 25.65 -10.47 30.95
CA PRO A 437 26.70 -11.58 30.63
C PRO A 437 27.35 -12.33 31.78
N GLN A 438 27.36 -13.64 31.64
CA GLN A 438 27.99 -14.51 32.67
C GLN A 438 29.48 -14.47 32.61
N LEU A 439 30.06 -14.06 31.50
CA LEU A 439 31.54 -13.97 31.36
C LEU A 439 32.07 -12.59 31.42
N GLY A 440 31.28 -11.66 31.90
CA GLY A 440 31.75 -10.32 32.11
C GLY A 440 31.31 -9.34 30.99
N GLY A 441 31.31 -8.07 31.26
CA GLY A 441 30.97 -7.03 30.27
C GLY A 441 29.52 -6.59 30.40
N SER A 442 29.19 -5.65 29.55
CA SER A 442 27.83 -5.05 29.58
C SER A 442 27.23 -5.10 28.20
N LEU A 443 25.92 -5.18 28.15
CA LEU A 443 25.14 -5.02 26.92
C LEU A 443 24.98 -3.52 26.64
N THR A 444 24.63 -3.26 25.36
CA THR A 444 24.37 -1.88 24.94
C THR A 444 23.06 -1.85 24.15
N LEU A 445 22.26 -0.82 24.48
CA LEU A 445 21.05 -0.48 23.66
C LEU A 445 21.28 0.91 23.13
N THR A 446 21.43 0.98 21.78
CA THR A 446 21.68 2.28 21.18
C THR A 446 20.34 3.03 20.94
N GLY A 447 20.40 4.16 20.32
CA GLY A 447 19.19 5.05 20.19
C GLY A 447 18.10 4.40 19.31
N ARG A 448 16.88 4.54 19.86
CA ARG A 448 15.67 4.04 19.10
C ARG A 448 15.88 2.62 18.60
N ASP A 449 16.37 1.77 19.51
CA ASP A 449 16.51 0.31 19.30
C ASP A 449 15.70 -0.41 20.36
N SER A 450 15.28 -1.63 20.03
CA SER A 450 14.66 -2.54 20.97
C SER A 450 15.10 -3.93 20.59
N LYS A 451 15.31 -4.79 21.61
CA LYS A 451 15.79 -6.16 21.41
C LYS A 451 14.89 -7.18 21.99
N ILE A 452 14.91 -8.36 21.47
CA ILE A 452 14.29 -9.52 22.11
C ILE A 452 15.40 -10.47 22.56
N HIS A 453 15.55 -10.66 23.85
CA HIS A 453 16.44 -11.70 24.42
C HIS A 453 15.67 -12.94 24.70
N VAL A 454 16.27 -14.13 24.65
CA VAL A 454 15.57 -15.37 24.86
C VAL A 454 16.21 -16.28 25.88
N THR A 455 15.39 -17.07 26.57
CA THR A 455 15.91 -18.16 27.42
C THR A 455 15.24 -19.47 27.05
N ASP A 456 16.02 -20.58 27.18
CA ASP A 456 15.58 -21.92 26.82
C ASP A 456 14.87 -22.00 25.44
N TYR A 457 15.59 -21.43 24.44
CA TYR A 457 15.09 -21.32 23.08
C TYR A 457 15.54 -22.54 22.30
N PRO A 458 14.60 -23.37 21.77
CA PRO A 458 14.99 -24.55 21.03
C PRO A 458 15.54 -24.24 19.65
N VAL A 459 16.65 -24.89 19.32
CA VAL A 459 17.32 -24.77 17.99
C VAL A 459 17.42 -26.16 17.46
N GLY A 460 16.33 -26.74 16.93
CA GLY A 460 16.32 -28.13 16.52
C GLY A 460 16.48 -29.02 17.78
N LYS A 461 17.49 -29.91 17.75
CA LYS A 461 17.87 -30.76 18.91
C LYS A 461 18.64 -30.00 19.97
N PHE A 462 19.21 -28.84 19.66
CA PHE A 462 20.02 -28.06 20.57
C PHE A 462 19.13 -27.08 21.35
N THR A 463 19.64 -26.49 22.42
CA THR A 463 18.92 -25.47 23.16
C THR A 463 19.82 -24.38 23.54
N LEU A 464 19.39 -23.12 23.30
CA LEU A 464 20.07 -21.97 23.84
C LEU A 464 19.57 -21.79 25.20
N LEU A 465 20.39 -22.03 26.21
CA LEU A 465 19.99 -21.67 27.54
C LEU A 465 19.62 -20.22 27.63
N TYR A 466 20.37 -19.36 26.97
CA TYR A 466 19.97 -17.97 26.79
C TYR A 466 20.72 -17.38 25.58
N SER A 467 20.20 -16.28 25.04
CA SER A 467 20.95 -15.44 24.08
C SER A 467 20.56 -14.01 24.23
N THR A 468 21.51 -13.11 24.26
CA THR A 468 21.28 -11.70 24.18
C THR A 468 21.18 -11.28 22.72
N ALA A 469 21.92 -11.90 21.85
CA ALA A 469 21.87 -11.57 20.44
C ALA A 469 20.55 -12.03 19.88
N GLU A 470 20.09 -11.31 18.89
CA GLU A 470 18.79 -11.66 18.18
C GLU A 470 18.93 -12.75 17.19
N ILE A 471 17.95 -13.58 17.06
CA ILE A 471 17.91 -14.66 16.17
C ILE A 471 17.40 -14.21 14.82
N PHE A 472 18.13 -14.47 13.71
CA PHE A 472 17.62 -14.25 12.40
C PHE A 472 16.92 -15.45 11.90
N THR A 473 17.56 -16.62 11.89
CA THR A 473 16.94 -17.87 11.51
C THR A 473 17.72 -19.08 12.05
N TRP A 474 17.12 -20.23 11.94
CA TRP A 474 17.89 -21.48 12.20
C TRP A 474 17.24 -22.57 11.43
N ASN A 475 17.98 -23.64 11.10
CA ASN A 475 17.34 -24.82 10.55
C ASN A 475 18.24 -26.07 10.78
N GLU A 476 17.61 -27.20 10.81
CA GLU A 476 18.39 -28.48 10.88
C GLU A 476 18.52 -29.02 9.44
N PHE A 477 19.74 -29.12 8.92
CA PHE A 477 20.06 -29.66 7.62
C PHE A 477 20.62 -31.10 7.77
N ALA A 478 20.97 -31.69 6.64
CA ALA A 478 21.46 -33.07 6.64
C ALA A 478 22.73 -33.25 7.46
N GLU A 479 23.70 -32.36 7.28
CA GLU A 479 24.96 -32.59 7.98
C GLU A 479 25.24 -31.63 9.16
N LYS A 480 24.35 -30.66 9.39
CA LYS A 480 24.63 -29.70 10.46
C LYS A 480 23.25 -29.01 10.85
N THR A 481 23.23 -28.41 12.03
CA THR A 481 22.17 -27.45 12.37
C THR A 481 22.80 -26.09 12.32
N VAL A 482 22.12 -25.10 11.70
CA VAL A 482 22.70 -23.75 11.50
C VAL A 482 21.87 -22.75 12.30
N LEU A 483 22.49 -21.87 13.01
CA LEU A 483 21.84 -20.77 13.76
C LEU A 483 22.50 -19.50 13.33
N VAL A 484 21.76 -18.46 12.95
CA VAL A 484 22.32 -17.13 12.63
C VAL A 484 21.89 -16.16 13.65
N LEU A 485 22.79 -15.49 14.30
CA LEU A 485 22.55 -14.53 15.32
C LEU A 485 23.11 -13.20 14.93
N TYR A 486 22.49 -12.11 15.37
CA TYR A 486 23.04 -10.80 15.04
C TYR A 486 22.94 -9.77 16.12
N GLY A 487 23.76 -8.76 16.03
CA GLY A 487 23.72 -7.62 16.92
C GLY A 487 24.04 -6.36 16.16
N GLY A 488 23.65 -5.20 16.69
CA GLY A 488 24.17 -3.95 16.10
C GLY A 488 25.71 -3.86 16.26
N ALA A 489 26.33 -3.10 15.38
CA ALA A 489 27.83 -3.00 15.41
C ALA A 489 28.24 -2.48 16.76
N GLN A 490 29.32 -3.06 17.21
CA GLN A 490 30.00 -2.72 18.52
C GLN A 490 29.28 -3.14 19.79
N GLU A 491 28.20 -3.87 19.63
CA GLU A 491 27.48 -4.41 20.83
C GLU A 491 28.13 -5.78 21.24
N LEU A 492 28.38 -5.90 22.55
CA LEU A 492 28.76 -7.18 23.09
C LEU A 492 27.56 -8.03 23.29
N HIS A 493 27.64 -9.29 22.90
CA HIS A 493 26.61 -10.26 23.11
C HIS A 493 27.12 -11.55 23.68
N GLU A 494 26.22 -12.30 24.35
CA GLU A 494 26.58 -13.58 24.90
C GLU A 494 25.47 -14.56 24.73
N PHE A 495 25.75 -15.77 24.47
CA PHE A 495 24.78 -16.84 24.48
C PHE A 495 25.37 -18.11 25.02
N ALA A 496 24.52 -19.04 25.48
CA ALA A 496 24.97 -20.30 26.09
C ALA A 496 24.23 -21.43 25.50
N VAL A 497 24.88 -22.54 25.19
CA VAL A 497 24.29 -23.68 24.54
C VAL A 497 24.37 -24.83 25.53
N LYS A 498 23.25 -25.49 25.83
CA LYS A 498 23.33 -26.69 26.70
C LYS A 498 24.17 -27.73 26.04
N ASN A 499 24.92 -28.53 26.85
CA ASN A 499 25.85 -29.59 26.28
C ASN A 499 25.55 -30.05 24.83
N PRO A 500 26.35 -29.55 23.83
CA PRO A 500 26.03 -29.86 22.44
C PRO A 500 26.80 -31.07 21.92
N PHE A 501 27.54 -31.74 22.82
CA PHE A 501 28.47 -32.74 22.35
C PHE A 501 27.86 -34.13 22.43
N GLY A 502 26.97 -34.31 23.41
CA GLY A 502 26.39 -35.63 23.70
C GLY A 502 27.35 -36.42 24.58
N SER A 503 27.57 -37.67 24.17
CA SER A 503 28.32 -38.62 24.97
C SER A 503 29.85 -38.38 24.89
N SER A 504 30.25 -37.53 23.95
CA SER A 504 31.63 -37.39 23.51
C SER A 504 32.61 -36.79 24.52
N LYS A 505 33.73 -37.48 24.69
CA LYS A 505 34.84 -37.09 25.57
C LYS A 505 35.83 -36.20 24.83
N THR A 506 36.06 -36.54 23.55
CA THR A 506 36.92 -35.74 22.67
C THR A 506 36.32 -34.33 22.49
N ALA A 507 35.02 -34.31 22.17
CA ALA A 507 34.37 -33.14 21.57
C ALA A 507 34.69 -31.80 22.20
N LYS A 508 35.08 -30.85 21.33
CA LYS A 508 35.34 -29.48 21.74
C LYS A 508 34.86 -28.48 20.67
N ALA A 509 34.64 -27.26 21.11
CA ALA A 509 34.33 -26.24 20.19
C ALA A 509 35.45 -26.02 19.12
N LYS A 510 35.09 -25.55 17.92
CA LYS A 510 36.09 -25.17 16.92
C LYS A 510 35.73 -23.77 16.43
N LYS A 511 36.67 -22.85 16.41
CA LYS A 511 36.51 -21.49 15.87
C LYS A 511 36.77 -21.67 14.37
N ILE A 512 35.82 -21.35 13.50
CA ILE A 512 35.98 -21.48 12.09
C ILE A 512 36.33 -20.15 11.46
N GLU A 513 35.70 -19.06 11.91
CA GLU A 513 35.96 -17.72 11.37
C GLU A 513 35.97 -16.73 12.52
N GLY A 514 36.80 -15.70 12.48
CA GLY A 514 36.72 -14.64 13.40
C GLY A 514 37.81 -14.64 14.47
N SER A 515 38.13 -13.49 14.98
CA SER A 515 39.13 -13.51 16.04
C SER A 515 38.66 -12.74 17.24
N ASN A 516 37.34 -12.42 17.34
CA ASN A 516 36.89 -11.91 18.60
C ASN A 516 36.07 -12.79 19.48
N VAL A 517 35.47 -13.79 18.93
CA VAL A 517 34.59 -14.65 19.71
C VAL A 517 35.42 -15.38 20.76
N THR A 518 34.90 -15.51 21.96
CA THR A 518 35.49 -16.34 22.96
C THR A 518 34.54 -17.45 23.40
N ILE A 519 35.12 -18.53 23.91
CA ILE A 519 34.40 -19.75 24.21
C ILE A 519 34.84 -20.17 25.59
N HIS A 520 33.85 -20.51 26.42
CA HIS A 520 34.10 -21.00 27.74
C HIS A 520 33.18 -22.18 28.01
N THR A 521 33.72 -23.26 28.54
CA THR A 521 32.88 -24.40 28.82
C THR A 521 32.78 -24.59 30.33
N THR A 522 31.58 -24.89 30.82
CA THR A 522 31.44 -25.25 32.24
C THR A 522 31.65 -26.74 32.44
N SER A 523 31.77 -27.16 33.70
CA SER A 523 31.90 -28.60 34.05
C SER A 523 30.78 -29.51 33.53
N ASN A 524 29.55 -28.95 33.40
CA ASN A 524 28.39 -29.70 32.83
C ASN A 524 28.23 -29.50 31.32
N LEU A 525 29.28 -28.91 30.74
CA LEU A 525 29.49 -28.88 29.34
C LEU A 525 28.49 -27.84 28.76
N THR A 526 28.02 -26.88 29.57
CA THR A 526 27.35 -25.73 28.93
C THR A 526 28.46 -24.90 28.28
N VAL A 527 28.26 -24.51 27.01
CA VAL A 527 29.23 -23.71 26.29
C VAL A 527 28.78 -22.27 26.24
N VAL A 528 29.53 -21.33 26.74
CA VAL A 528 29.19 -19.93 26.78
C VAL A 528 30.07 -19.21 25.77
N LEU A 529 29.45 -18.47 24.85
CA LEU A 529 30.18 -17.72 23.83
C LEU A 529 29.92 -16.25 23.98
N GLN A 530 30.94 -15.42 23.96
CA GLN A 530 30.83 -14.00 23.89
C GLN A 530 31.40 -13.46 22.58
N TRP A 531 30.78 -12.44 21.98
CA TRP A 531 31.36 -11.86 20.83
C TRP A 531 30.93 -10.42 20.71
N THR A 532 31.65 -9.60 19.94
CA THR A 532 31.28 -8.23 19.77
C THR A 532 30.92 -8.05 18.30
N ALA A 533 29.69 -7.62 17.99
CA ALA A 533 29.28 -7.65 16.56
C ALA A 533 30.07 -6.62 15.74
N SER A 534 30.35 -6.98 14.49
CA SER A 534 31.09 -6.02 13.55
C SER A 534 30.85 -6.56 12.16
N SER A 535 31.45 -5.87 11.18
CA SER A 535 31.47 -6.32 9.83
C SER A 535 32.10 -7.68 9.61
N ALA A 536 32.94 -8.13 10.50
CA ALA A 536 33.63 -9.41 10.35
C ALA A 536 32.82 -10.54 11.03
N ARG A 537 32.26 -11.39 10.22
CA ARG A 537 31.43 -12.48 10.76
C ARG A 537 32.27 -13.39 11.67
N GLN A 538 31.72 -13.89 12.74
CA GLN A 538 32.35 -14.95 13.55
C GLN A 538 31.58 -16.25 13.33
N VAL A 539 32.24 -17.41 13.24
CA VAL A 539 31.59 -18.67 13.05
C VAL A 539 32.22 -19.68 14.01
N VAL A 540 31.39 -20.40 14.76
CA VAL A 540 31.88 -21.45 15.63
C VAL A 540 31.09 -22.70 15.44
N GLN A 541 31.76 -23.87 15.45
CA GLN A 541 31.12 -25.13 15.34
C GLN A 541 31.19 -25.83 16.72
N LEU A 542 30.06 -26.29 17.27
CA LEU A 542 29.92 -27.06 18.51
C LEU A 542 29.26 -28.38 18.14
N GLY A 543 30.04 -29.45 17.97
CA GLY A 543 29.47 -30.67 17.42
C GLY A 543 28.90 -30.47 16.05
N SER A 544 27.61 -30.78 15.86
CA SER A 544 27.01 -30.54 14.57
C SER A 544 26.23 -29.22 14.54
N LEU A 545 26.34 -28.40 15.58
CA LEU A 545 25.70 -27.08 15.54
C LEU A 545 26.72 -26.07 15.04
N VAL A 546 26.33 -25.24 14.06
CA VAL A 546 27.22 -24.20 13.51
C VAL A 546 26.53 -22.87 13.74
N ILE A 547 27.15 -21.96 14.43
CA ILE A 547 26.57 -20.64 14.74
C ILE A 547 27.32 -19.61 13.92
N TYR A 548 26.53 -18.81 13.15
CA TYR A 548 27.03 -17.67 12.41
C TYR A 548 26.70 -16.38 13.09
N MET A 549 27.62 -15.53 13.51
CA MET A 549 27.42 -14.38 14.31
C MET A 549 27.77 -13.15 13.54
N VAL A 550 26.75 -12.39 13.14
CA VAL A 550 26.91 -11.25 12.26
C VAL A 550 26.41 -9.95 12.83
N ASP A 551 26.80 -8.84 12.25
CA ASP A 551 26.17 -7.58 12.62
C ASP A 551 24.83 -7.38 11.86
N ARG A 552 24.08 -6.41 12.35
CA ARG A 552 22.71 -6.15 11.79
C ARG A 552 22.79 -5.87 10.29
N ASN A 553 23.75 -5.01 9.90
CA ASN A 553 23.81 -4.61 8.48
C ASN A 553 24.18 -5.74 7.58
N SER A 554 24.96 -6.70 8.08
CA SER A 554 25.21 -7.92 7.34
C SER A 554 23.95 -8.82 7.27
N ALA A 555 23.22 -8.95 8.43
CA ALA A 555 22.01 -9.77 8.46
C ALA A 555 20.92 -9.25 7.48
N TYR A 556 20.95 -7.91 7.21
CA TYR A 556 20.03 -7.39 6.19
C TYR A 556 20.16 -8.09 4.86
N ASN A 557 21.33 -8.67 4.53
CA ASN A 557 21.55 -9.32 3.26
C ASN A 557 21.36 -10.82 3.21
N TYR A 558 20.82 -11.41 4.31
CA TYR A 558 20.51 -12.81 4.34
C TYR A 558 19.06 -13.10 3.96
N TRP A 559 18.78 -14.25 3.43
CA TRP A 559 17.46 -14.62 2.89
C TRP A 559 17.19 -16.05 3.27
N VAL A 560 15.93 -16.44 3.44
CA VAL A 560 15.56 -17.77 3.80
C VAL A 560 14.43 -18.28 2.90
N PRO A 561 14.68 -18.52 1.62
CA PRO A 561 13.64 -19.04 0.76
C PRO A 561 13.22 -20.43 1.19
N THR A 562 11.97 -20.81 1.02
CA THR A 562 11.47 -22.08 1.42
C THR A 562 11.58 -23.09 0.31
N LEU A 563 11.86 -24.38 0.65
CA LEU A 563 11.85 -25.40 -0.35
C LEU A 563 10.45 -25.85 -0.70
N PRO A 564 10.08 -25.96 -1.95
CA PRO A 564 8.73 -26.35 -2.34
C PRO A 564 8.37 -27.74 -1.87
N GLY A 565 7.10 -27.93 -1.59
CA GLY A 565 6.47 -29.27 -1.46
C GLY A 565 6.02 -29.76 -2.84
N SER A 566 4.86 -30.42 -2.89
CA SER A 566 4.38 -30.96 -4.15
C SER A 566 2.88 -30.62 -4.33
N GLY A 567 2.45 -30.68 -5.58
CA GLY A 567 1.02 -30.48 -5.88
C GLY A 567 0.69 -28.97 -5.97
N LYS A 568 -0.62 -28.67 -6.04
CA LYS A 568 -1.05 -27.24 -6.26
C LYS A 568 -0.47 -26.31 -5.13
N GLN A 569 -0.39 -26.82 -3.91
CA GLN A 569 0.07 -26.01 -2.77
C GLN A 569 1.59 -26.14 -2.55
N SER A 570 2.31 -26.50 -3.61
CA SER A 570 3.76 -26.72 -3.43
C SER A 570 4.50 -25.51 -2.86
N ALA A 571 4.08 -24.27 -3.22
CA ALA A 571 4.85 -23.16 -2.78
C ALA A 571 4.73 -22.85 -1.28
N TYR A 572 3.73 -23.45 -0.63
CA TYR A 572 3.56 -23.26 0.81
C TYR A 572 4.56 -24.15 1.58
N GLY A 573 5.40 -24.94 0.88
CA GLY A 573 6.50 -25.60 1.64
C GLY A 573 6.06 -26.74 2.49
N SER A 574 6.96 -27.06 3.43
CA SER A 574 6.68 -28.22 4.28
C SER A 574 5.79 -27.91 5.47
N SER A 575 5.73 -26.67 5.87
CA SER A 575 4.90 -26.18 7.01
C SER A 575 5.00 -24.66 7.00
N LEU A 576 4.18 -23.92 7.75
CA LEU A 576 4.26 -22.51 7.87
CA LEU A 576 4.35 -22.50 7.80
C LEU A 576 5.37 -22.06 8.79
N MET A 577 5.51 -22.75 9.93
CA MET A 577 6.59 -22.42 10.92
C MET A 577 7.70 -23.47 10.77
N ASN A 578 8.90 -22.95 10.93
CA ASN A 578 10.08 -23.87 10.74
C ASN A 578 10.09 -24.66 9.46
N PRO A 579 9.81 -24.02 8.32
CA PRO A 579 9.74 -24.74 7.04
C PRO A 579 11.15 -25.26 6.59
N ASP A 580 11.13 -26.27 5.78
CA ASP A 580 12.40 -26.67 5.06
C ASP A 580 12.86 -25.48 4.21
N SER A 581 14.12 -25.14 4.25
CA SER A 581 14.61 -23.91 3.67
C SER A 581 16.03 -24.07 3.18
N VAL A 582 16.52 -23.04 2.51
CA VAL A 582 17.97 -22.84 2.24
C VAL A 582 18.27 -21.48 2.73
N ILE A 583 19.44 -21.22 3.33
CA ILE A 583 19.83 -19.94 3.76
C ILE A 583 20.80 -19.31 2.77
N ILE A 584 20.54 -18.09 2.32
CA ILE A 584 21.39 -17.48 1.29
C ILE A 584 21.86 -16.14 1.77
N ASN A 585 23.19 -15.91 1.77
CA ASN A 585 23.78 -14.65 2.17
C ASN A 585 24.19 -13.95 0.92
N GLY A 586 23.54 -12.82 0.61
CA GLY A 586 23.88 -11.98 -0.55
C GLY A 586 22.60 -11.80 -1.41
N GLY A 587 22.60 -10.67 -2.11
CA GLY A 587 21.59 -10.46 -3.14
C GLY A 587 20.64 -9.35 -2.69
N TYR A 588 20.07 -8.67 -3.69
CA TYR A 588 19.02 -7.66 -3.44
C TYR A 588 17.66 -8.29 -3.17
N LEU A 589 17.41 -9.44 -3.75
CA LEU A 589 16.22 -10.20 -3.46
C LEU A 589 16.50 -11.63 -3.79
N ILE A 590 16.10 -12.58 -2.92
CA ILE A 590 16.01 -14.01 -3.32
C ILE A 590 14.51 -14.29 -3.42
N ARG A 591 14.04 -14.62 -4.59
CA ARG A 591 12.61 -14.89 -4.84
C ARG A 591 12.23 -16.29 -4.56
N SER A 592 13.08 -17.28 -4.88
CA SER A 592 12.62 -18.67 -4.75
C SER A 592 13.83 -19.58 -4.92
N VAL A 593 13.66 -20.81 -4.48
CA VAL A 593 14.57 -21.92 -4.80
C VAL A 593 13.76 -23.10 -5.26
N ALA A 594 14.38 -24.01 -5.97
CA ALA A 594 13.69 -25.25 -6.40
C ALA A 594 14.84 -26.28 -6.61
N ILE A 595 14.50 -27.53 -6.43
CA ILE A 595 15.41 -28.66 -6.69
C ILE A 595 14.98 -29.23 -8.02
N LYS A 596 15.95 -29.39 -8.92
CA LYS A 596 15.71 -29.83 -10.31
C LYS A 596 16.77 -30.93 -10.51
N GLY A 597 16.45 -32.19 -10.17
CA GLY A 597 17.44 -33.35 -10.28
C GLY A 597 18.53 -33.16 -9.22
N ASN A 598 19.79 -33.05 -9.72
CA ASN A 598 20.90 -32.80 -8.86
C ASN A 598 21.26 -31.33 -8.75
N ALA A 599 20.34 -30.38 -9.16
CA ALA A 599 20.63 -28.97 -9.18
C ALA A 599 19.72 -28.18 -8.22
N LEU A 600 20.34 -27.20 -7.58
CA LEU A 600 19.59 -26.18 -6.80
C LEU A 600 19.47 -25.01 -7.74
N SER A 601 18.22 -24.60 -8.00
CA SER A 601 17.97 -23.47 -8.94
C SER A 601 17.41 -22.29 -8.14
N VAL A 602 18.06 -21.19 -8.21
CA VAL A 602 17.70 -19.97 -7.43
C VAL A 602 17.18 -18.91 -8.38
N GLN A 603 16.10 -18.21 -8.05
CA GLN A 603 15.65 -17.02 -8.77
C GLN A 603 15.98 -15.86 -7.88
N ALA A 604 16.68 -14.85 -8.39
CA ALA A 604 17.24 -13.78 -7.60
C ALA A 604 17.26 -12.44 -8.39
N ASP A 605 17.29 -11.36 -7.69
CA ASP A 605 17.55 -10.06 -8.29
C ASP A 605 18.73 -9.47 -7.66
N PHE A 606 19.47 -8.69 -8.50
CA PHE A 606 20.70 -8.00 -8.08
C PHE A 606 20.70 -6.53 -8.48
N ASN A 607 20.79 -5.62 -7.56
CA ASN A 607 20.88 -4.22 -7.95
C ASN A 607 22.33 -3.75 -7.84
N VAL A 608 23.23 -4.56 -7.25
CA VAL A 608 24.67 -4.27 -7.08
C VAL A 608 25.34 -5.62 -7.30
N THR A 609 26.64 -5.57 -7.58
CA THR A 609 27.41 -6.83 -7.60
C THR A 609 27.62 -7.34 -6.16
N THR A 610 27.61 -8.66 -6.11
CA THR A 610 27.78 -9.30 -4.78
C THR A 610 28.05 -10.79 -5.10
N PRO A 611 28.83 -11.49 -4.23
CA PRO A 611 28.82 -12.96 -4.26
C PRO A 611 27.56 -13.51 -3.60
N LEU A 612 27.30 -14.78 -3.78
CA LEU A 612 26.21 -15.46 -3.03
C LEU A 612 26.79 -16.57 -2.27
N GLU A 613 26.44 -16.73 -0.99
CA GLU A 613 26.84 -17.86 -0.19
C GLU A 613 25.62 -18.69 0.15
N ILE A 614 25.60 -19.93 -0.16
CA ILE A 614 24.48 -20.79 0.02
C ILE A 614 24.75 -21.75 1.14
N ILE A 615 23.92 -21.75 2.15
CA ILE A 615 24.13 -22.50 3.43
C ILE A 615 23.02 -23.50 3.56
N GLY A 616 23.30 -24.78 3.71
CA GLY A 616 22.32 -25.85 3.90
C GLY A 616 21.95 -26.50 2.62
N ILE A 617 22.92 -26.97 1.85
CA ILE A 617 22.67 -27.60 0.56
C ILE A 617 21.99 -28.98 0.77
N PRO A 618 20.83 -29.25 0.13
CA PRO A 618 20.25 -30.60 0.37
C PRO A 618 21.17 -31.75 -0.06
N LYS A 619 21.02 -32.93 0.56
CA LYS A 619 21.83 -34.10 0.27
C LYS A 619 21.66 -34.54 -1.20
N GLY A 620 22.78 -34.79 -1.87
CA GLY A 620 22.79 -35.30 -3.22
C GLY A 620 22.72 -34.19 -4.26
N ILE A 621 22.65 -32.93 -3.79
CA ILE A 621 22.65 -31.83 -4.76
C ILE A 621 24.08 -31.37 -5.03
N SER A 622 24.47 -31.27 -6.31
CA SER A 622 25.84 -30.89 -6.67
C SER A 622 25.99 -29.82 -7.72
N LYS A 623 24.89 -29.32 -8.28
CA LYS A 623 24.93 -28.28 -9.29
C LYS A 623 24.11 -27.09 -8.82
N LEU A 624 24.54 -25.92 -9.26
CA LEU A 624 23.92 -24.62 -8.92
C LEU A 624 23.48 -23.88 -10.16
N ALA A 625 22.27 -23.31 -10.17
CA ALA A 625 21.88 -22.35 -11.23
C ALA A 625 21.33 -21.11 -10.59
N VAL A 626 21.59 -19.99 -11.20
CA VAL A 626 20.99 -18.72 -10.79
C VAL A 626 20.28 -18.10 -11.99
N ASN A 627 19.01 -17.82 -11.87
CA ASN A 627 18.23 -17.27 -13.02
C ASN A 627 18.39 -18.10 -14.31
N GLY A 628 18.41 -19.41 -14.14
CA GLY A 628 18.42 -20.33 -15.28
C GLY A 628 19.80 -20.59 -15.89
N LYS A 629 20.83 -20.06 -15.27
CA LYS A 629 22.19 -20.23 -15.85
C LYS A 629 23.05 -21.02 -14.79
N GLU A 630 23.65 -22.13 -15.25
CA GLU A 630 24.49 -22.90 -14.35
C GLU A 630 25.73 -22.13 -14.00
N LEU A 631 26.19 -22.25 -12.75
CA LEU A 631 27.50 -21.71 -12.42
C LEU A 631 28.24 -22.51 -11.40
N GLY A 632 29.56 -22.35 -11.38
CA GLY A 632 30.35 -23.12 -10.38
C GLY A 632 30.37 -22.41 -9.08
N TYR A 633 31.07 -23.00 -8.14
CA TYR A 633 31.10 -22.46 -6.79
C TYR A 633 32.37 -23.01 -6.04
N SER A 634 32.81 -22.23 -5.05
CA SER A 634 33.84 -22.69 -4.10
C SER A 634 33.09 -23.43 -2.96
N VAL A 635 33.68 -24.40 -2.31
CA VAL A 635 33.08 -25.13 -1.16
C VAL A 635 33.86 -24.80 0.05
N SER A 636 33.22 -24.33 1.13
CA SER A 636 33.89 -24.03 2.36
C SER A 636 34.03 -25.33 3.20
N GLU A 637 34.88 -25.21 4.26
CA GLU A 637 35.09 -26.39 5.15
C GLU A 637 33.82 -26.80 5.89
N LEU A 638 32.84 -25.90 5.89
CA LEU A 638 31.54 -26.25 6.54
C LEU A 638 30.51 -26.69 5.52
N GLY A 639 30.91 -26.83 4.27
CA GLY A 639 30.03 -27.37 3.27
C GLY A 639 29.10 -26.27 2.66
N ASP A 640 29.46 -25.01 2.84
CA ASP A 640 28.63 -23.92 2.24
C ASP A 640 29.20 -23.68 0.82
N TRP A 641 28.36 -23.22 -0.11
CA TRP A 641 28.80 -22.87 -1.46
C TRP A 641 29.02 -21.41 -1.60
N ILE A 642 30.08 -20.96 -2.24
CA ILE A 642 30.28 -19.57 -2.51
C ILE A 642 30.37 -19.39 -4.00
N ALA A 643 29.43 -18.64 -4.59
CA ALA A 643 29.28 -18.51 -6.01
C ALA A 643 29.38 -17.00 -6.36
N HIS A 644 29.72 -16.80 -7.65
CA HIS A 644 29.99 -15.41 -8.11
C HIS A 644 29.22 -15.20 -9.42
N PRO A 645 27.89 -15.08 -9.36
CA PRO A 645 27.09 -14.86 -10.56
C PRO A 645 27.57 -13.59 -11.31
N ALA A 646 27.40 -13.68 -12.63
CA ALA A 646 27.72 -12.54 -13.51
C ALA A 646 26.61 -11.47 -13.22
N ILE A 647 26.99 -10.31 -12.86
CA ILE A 647 26.07 -9.21 -12.58
C ILE A 647 26.54 -7.98 -13.32
N GLU A 648 25.88 -7.67 -14.42
CA GLU A 648 26.16 -6.47 -15.17
C GLU A 648 25.02 -5.46 -14.93
N ILE A 649 25.35 -4.30 -14.42
CA ILE A 649 24.36 -3.20 -14.21
C ILE A 649 24.62 -2.13 -15.28
N PRO A 650 23.82 -2.16 -16.38
CA PRO A 650 24.17 -1.32 -17.60
C PRO A 650 23.79 0.13 -17.39
N HIS A 651 24.36 1.00 -18.21
CA HIS A 651 23.90 2.40 -18.27
C HIS A 651 22.67 2.41 -19.17
N VAL A 652 21.60 2.99 -18.67
CA VAL A 652 20.36 2.97 -19.44
C VAL A 652 20.13 4.33 -20.08
N GLN A 653 19.88 4.31 -21.35
CA GLN A 653 19.51 5.56 -22.02
C GLN A 653 18.01 5.53 -22.37
N VAL A 654 17.35 6.61 -21.99
CA VAL A 654 15.95 6.65 -22.40
C VAL A 654 15.71 7.87 -23.27
N PRO A 655 14.64 7.80 -24.06
CA PRO A 655 14.31 8.96 -24.92
C PRO A 655 14.08 10.25 -24.18
N GLU A 656 14.55 11.36 -24.73
CA GLU A 656 14.28 12.71 -24.26
C GLU A 656 12.84 13.12 -24.72
N LEU A 657 11.98 13.40 -23.77
CA LEU A 657 10.56 13.75 -24.08
C LEU A 657 10.46 15.05 -24.89
N THR A 658 11.32 16.02 -24.58
CA THR A 658 11.19 17.33 -25.23
C THR A 658 11.36 17.16 -26.73
N LYS A 659 12.12 16.16 -27.18
CA LYS A 659 12.34 15.83 -28.62
C LYS A 659 11.36 14.89 -29.32
N LEU A 660 10.33 14.42 -28.62
CA LEU A 660 9.35 13.63 -29.36
C LEU A 660 8.54 14.58 -30.31
N LYS A 661 7.80 13.93 -31.17
CA LYS A 661 6.94 14.75 -32.14
C LYS A 661 5.53 14.96 -31.38
N TRP A 662 5.38 16.14 -30.85
CA TRP A 662 4.16 16.45 -30.07
C TRP A 662 3.06 16.98 -30.96
N TYR A 663 1.85 16.51 -30.73
CA TYR A 663 0.68 17.06 -31.39
C TYR A 663 -0.25 17.69 -30.35
N LYS A 664 -0.97 18.74 -30.75
CA LYS A 664 -1.82 19.52 -29.81
C LYS A 664 -3.26 19.64 -30.31
N VAL A 665 -4.20 19.53 -29.34
CA VAL A 665 -5.60 19.83 -29.73
C VAL A 665 -6.19 20.69 -28.62
N ASP A 666 -6.99 21.69 -29.01
CA ASP A 666 -7.71 22.53 -28.04
C ASP A 666 -8.78 21.70 -27.31
N SER A 667 -8.67 21.71 -25.97
CA SER A 667 -9.60 20.91 -25.18
C SER A 667 -10.60 21.80 -24.48
N LEU A 668 -10.80 23.07 -24.91
CA LEU A 668 -11.91 23.91 -24.43
C LEU A 668 -12.58 24.51 -25.71
N PRO A 669 -13.03 23.69 -26.63
CA PRO A 669 -13.80 24.27 -27.83
C PRO A 669 -15.11 24.86 -27.37
N GLU A 670 -15.59 24.54 -26.17
CA GLU A 670 -16.88 25.05 -25.63
C GLU A 670 -16.95 26.54 -25.66
N ILE A 671 -15.84 27.24 -25.51
CA ILE A 671 -15.94 28.70 -25.39
C ILE A 671 -15.94 29.40 -26.75
N ARG A 672 -15.85 28.68 -27.83
CA ARG A 672 -15.93 29.34 -29.15
C ARG A 672 -17.39 29.51 -29.61
N SER A 673 -17.65 30.59 -30.37
CA SER A 673 -19.05 30.90 -30.77
C SER A 673 -19.70 29.83 -31.68
N ASN A 674 -18.88 29.05 -32.34
CA ASN A 674 -19.43 27.97 -33.14
C ASN A 674 -19.69 26.62 -32.41
N TYR A 675 -19.47 26.60 -31.06
CA TYR A 675 -19.65 25.32 -30.38
C TYR A 675 -21.17 24.95 -30.27
N ASP A 676 -21.45 23.74 -30.62
CA ASP A 676 -22.79 23.20 -30.50
C ASP A 676 -22.86 22.27 -29.31
N ASP A 677 -23.70 22.64 -28.32
CA ASP A 677 -23.95 21.78 -27.15
C ASP A 677 -25.27 21.03 -27.17
N SER A 678 -25.91 20.88 -28.33
CA SER A 678 -27.18 20.16 -28.45
C SER A 678 -27.14 18.76 -27.96
N ARG A 679 -25.95 18.11 -27.88
CA ARG A 679 -25.87 16.76 -27.41
C ARG A 679 -25.66 16.70 -25.87
N TRP A 680 -25.45 17.84 -25.23
CA TRP A 680 -25.17 17.73 -23.77
C TRP A 680 -26.43 17.40 -22.96
N PRO A 681 -26.30 16.63 -21.91
CA PRO A 681 -27.36 16.50 -20.95
C PRO A 681 -27.88 17.80 -20.40
N LEU A 682 -29.22 17.87 -20.24
CA LEU A 682 -29.82 18.98 -19.57
C LEU A 682 -29.75 18.90 -18.06
N ALA A 683 -29.38 19.97 -17.40
CA ALA A 683 -29.39 19.99 -15.93
C ALA A 683 -30.74 20.52 -15.53
N ASN A 684 -31.75 19.64 -15.61
CA ASN A 684 -33.11 20.18 -15.40
C ASN A 684 -33.82 19.40 -14.29
N LEU A 685 -33.09 18.72 -13.40
CA LEU A 685 -33.76 18.03 -12.27
C LEU A 685 -34.09 19.03 -11.23
N ARG A 686 -35.42 19.14 -10.87
CA ARG A 686 -35.85 20.13 -9.93
C ARG A 686 -35.77 19.74 -8.48
N THR A 687 -35.49 18.44 -8.32
CA THR A 687 -35.27 17.92 -6.95
C THR A 687 -34.02 17.01 -6.98
N SER A 688 -33.47 16.78 -5.81
CA SER A 688 -32.33 15.85 -5.65
C SER A 688 -32.68 14.92 -4.51
N ASN A 689 -32.13 13.71 -4.54
CA ASN A 689 -32.17 12.79 -3.35
C ASN A 689 -30.97 12.98 -2.45
N ASN A 690 -30.13 14.00 -2.71
CA ASN A 690 -28.97 14.18 -1.84
C ASN A 690 -29.43 14.80 -0.55
N THR A 691 -29.47 14.00 0.50
CA THR A 691 -29.91 14.50 1.81
C THR A 691 -28.88 15.18 2.63
N TYR A 692 -27.61 15.08 2.19
CA TYR A 692 -26.55 15.73 2.90
C TYR A 692 -26.36 17.23 2.53
N ALA A 693 -26.69 17.50 1.28
CA ALA A 693 -26.51 18.87 0.76
C ALA A 693 -27.82 19.22 0.03
N PRO A 694 -28.88 19.58 0.79
CA PRO A 694 -30.15 19.93 0.11
C PRO A 694 -29.92 21.08 -0.93
N LEU A 695 -30.70 20.99 -2.00
CA LEU A 695 -30.54 22.03 -3.04
C LEU A 695 -30.83 23.42 -2.64
N LYS A 696 -29.95 24.30 -3.06
CA LYS A 696 -30.12 25.73 -2.86
C LYS A 696 -30.54 26.39 -4.20
N THR A 697 -30.42 25.68 -5.29
CA THR A 697 -30.62 26.20 -6.64
C THR A 697 -31.94 25.63 -7.20
N PRO A 698 -32.51 26.22 -8.29
CA PRO A 698 -33.77 25.72 -8.86
C PRO A 698 -33.67 24.36 -9.49
N VAL A 699 -32.45 23.99 -10.00
CA VAL A 699 -32.24 22.67 -10.53
C VAL A 699 -30.94 22.14 -9.82
N SER A 700 -30.80 20.81 -9.83
CA SER A 700 -29.51 20.22 -9.31
C SER A 700 -28.38 20.53 -10.31
N LEU A 701 -27.30 20.99 -9.72
CA LEU A 701 -26.05 21.12 -10.50
C LEU A 701 -24.94 20.21 -9.82
N TYR A 702 -25.40 19.08 -9.31
CA TYR A 702 -24.47 18.10 -8.70
C TYR A 702 -24.16 17.03 -9.70
N GLY A 703 -22.85 16.82 -10.01
CA GLY A 703 -22.54 15.83 -11.04
C GLY A 703 -23.15 14.43 -10.85
N SER A 704 -23.12 13.97 -9.59
CA SER A 704 -23.52 12.59 -9.37
C SER A 704 -25.06 12.37 -9.54
N ASP A 705 -25.80 13.51 -9.43
CA ASP A 705 -27.24 13.41 -9.70
C ASP A 705 -27.55 13.04 -11.15
N TYR A 706 -26.58 13.25 -12.08
CA TYR A 706 -26.69 12.94 -13.48
C TYR A 706 -25.84 11.83 -13.94
N GLY A 707 -25.18 11.15 -12.99
CA GLY A 707 -24.35 9.98 -13.34
C GLY A 707 -22.86 10.29 -13.54
N PHE A 708 -22.42 11.46 -13.16
CA PHE A 708 -21.01 11.83 -13.40
C PHE A 708 -20.30 11.89 -12.08
N HIS A 709 -19.39 10.87 -11.89
CA HIS A 709 -18.74 10.72 -10.57
C HIS A 709 -17.26 10.89 -10.58
N ALA A 710 -16.68 11.15 -11.75
CA ALA A 710 -15.20 11.08 -11.89
C ALA A 710 -14.62 12.31 -12.59
N GLY A 711 -13.56 12.85 -12.06
CA GLY A 711 -12.83 13.82 -12.85
C GLY A 711 -13.58 15.15 -13.08
N THR A 712 -13.10 15.91 -14.07
CA THR A 712 -13.53 17.27 -14.28
C THR A 712 -14.98 17.32 -14.83
N LEU A 713 -15.76 18.27 -14.27
CA LEU A 713 -17.14 18.56 -14.77
C LEU A 713 -17.16 19.90 -15.48
N LEU A 714 -18.11 20.01 -16.42
CA LEU A 714 -18.38 21.31 -17.06
C LEU A 714 -19.86 21.63 -17.03
N PHE A 715 -20.15 22.91 -16.87
CA PHE A 715 -21.56 23.42 -16.86
C PHE A 715 -21.68 24.54 -17.85
N ARG A 716 -22.82 24.57 -18.58
CA ARG A 716 -23.06 25.71 -19.49
C ARG A 716 -24.40 26.30 -19.12
N GLY A 717 -24.35 27.57 -18.78
CA GLY A 717 -25.52 28.33 -18.29
C GLY A 717 -25.94 29.42 -19.26
N ARG A 718 -27.13 29.28 -19.84
CA ARG A 718 -27.70 30.32 -20.74
C ARG A 718 -28.51 31.32 -19.98
N PHE A 719 -28.31 32.62 -20.28
CA PHE A 719 -29.23 33.62 -19.75
C PHE A 719 -29.41 34.71 -20.82
N THR A 720 -30.46 35.51 -20.65
CA THR A 720 -30.71 36.70 -21.53
C THR A 720 -30.36 37.90 -20.72
N ALA A 721 -29.44 38.73 -21.28
CA ALA A 721 -29.01 39.88 -20.53
C ALA A 721 -30.20 40.87 -20.27
N ARG A 722 -30.35 41.30 -19.04
CA ARG A 722 -31.41 42.28 -18.73
C ARG A 722 -30.86 43.65 -18.62
N THR A 723 -29.64 43.81 -18.11
CA THR A 723 -28.96 45.08 -18.05
C THR A 723 -27.51 44.89 -18.60
N ALA A 724 -26.85 45.99 -18.94
CA ALA A 724 -25.53 45.92 -19.57
C ALA A 724 -24.51 45.38 -18.58
N ARG A 725 -24.67 45.59 -17.28
CA ARG A 725 -23.78 45.04 -16.28
C ARG A 725 -24.63 44.15 -15.36
N GLN A 726 -24.09 42.96 -15.06
CA GLN A 726 -24.78 42.06 -14.14
C GLN A 726 -23.75 41.45 -13.23
N GLN A 727 -24.23 41.05 -12.03
CA GLN A 727 -23.28 40.48 -11.01
C GLN A 727 -23.57 39.02 -10.83
N LEU A 728 -22.52 38.18 -10.90
CA LEU A 728 -22.64 36.71 -10.73
C LEU A 728 -21.94 36.33 -9.46
N PHE A 729 -22.70 35.65 -8.60
CA PHE A 729 -22.16 34.89 -7.49
C PHE A 729 -22.24 33.41 -7.85
N LEU A 730 -21.08 32.72 -7.63
CA LEU A 730 -20.99 31.32 -7.99
C LEU A 730 -20.24 30.55 -6.86
N SER A 731 -20.92 29.54 -6.33
CA SER A 731 -20.33 28.69 -5.29
C SER A 731 -20.08 27.32 -5.90
N THR A 732 -18.77 26.93 -6.00
CA THR A 732 -18.36 25.63 -6.63
C THR A 732 -17.75 24.73 -5.59
N GLN A 733 -17.83 23.46 -5.89
CA GLN A 733 -17.24 22.46 -4.98
C GLN A 733 -16.69 21.32 -5.77
N GLY A 734 -15.36 21.07 -5.50
CA GLY A 734 -14.68 20.00 -6.21
C GLY A 734 -13.91 18.99 -5.30
N GLY A 735 -13.96 19.23 -3.99
CA GLY A 735 -13.07 18.43 -3.10
C GLY A 735 -11.80 19.21 -2.86
N SER A 736 -11.07 18.91 -1.75
N SER A 736 -11.02 18.71 -1.91
CA SER A 736 -9.82 19.61 -1.39
CA SER A 736 -9.76 19.31 -1.60
C SER A 736 -8.92 19.70 -2.63
C SER A 736 -8.89 19.61 -2.80
N ALA A 737 -8.30 20.83 -2.80
CA ALA A 737 -7.31 21.15 -3.87
C ALA A 737 -7.90 21.17 -5.29
N PHE A 738 -9.24 21.33 -5.38
CA PHE A 738 -9.86 21.51 -6.71
C PHE A 738 -9.58 22.97 -7.20
N ALA A 739 -9.98 23.12 -8.47
CA ALA A 739 -9.98 24.54 -9.02
C ALA A 739 -11.24 24.60 -9.91
N SER A 740 -11.58 25.89 -10.24
CA SER A 740 -12.67 26.12 -11.19
CA SER A 740 -12.67 26.17 -11.17
C SER A 740 -12.35 27.38 -12.04
N SER A 741 -12.86 27.37 -13.29
CA SER A 741 -12.59 28.50 -14.20
C SER A 741 -13.92 28.84 -14.91
N VAL A 742 -14.09 30.15 -15.16
CA VAL A 742 -15.36 30.64 -15.78
C VAL A 742 -15.04 31.49 -16.99
N TRP A 743 -15.86 31.23 -18.06
CA TRP A 743 -15.91 32.10 -19.27
C TRP A 743 -17.36 32.54 -19.54
N LEU A 744 -17.50 33.74 -20.08
CA LEU A 744 -18.78 34.32 -20.63
C LEU A 744 -18.61 34.34 -22.12
N ASN A 745 -19.31 33.51 -22.86
CA ASN A 745 -19.04 33.25 -24.28
C ASN A 745 -17.54 32.93 -24.35
N ASP A 746 -16.75 33.70 -25.16
CA ASP A 746 -15.28 33.46 -25.26
C ASP A 746 -14.45 34.30 -24.32
N ARG A 747 -15.05 35.12 -23.44
CA ARG A 747 -14.38 36.00 -22.60
C ARG A 747 -14.00 35.37 -21.29
N PHE A 748 -12.74 35.32 -20.94
CA PHE A 748 -12.38 34.78 -19.63
C PHE A 748 -12.76 35.65 -18.52
N ILE A 749 -13.50 35.11 -17.54
CA ILE A 749 -13.92 35.87 -16.38
C ILE A 749 -13.05 35.72 -15.18
N GLY A 750 -12.67 34.48 -14.85
CA GLY A 750 -11.76 34.33 -13.73
C GLY A 750 -11.69 32.84 -13.32
N SER A 751 -10.71 32.57 -12.46
CA SER A 751 -10.54 31.20 -11.88
C SER A 751 -10.42 31.30 -10.36
N PHE A 752 -10.95 30.24 -9.72
CA PHE A 752 -10.57 29.92 -8.35
C PHE A 752 -9.42 28.94 -8.46
N THR A 753 -8.21 29.40 -8.03
CA THR A 753 -7.03 28.60 -8.37
C THR A 753 -6.68 27.53 -7.32
N GLY A 754 -7.41 27.50 -6.23
CA GLY A 754 -7.32 26.35 -5.33
C GLY A 754 -6.23 26.44 -4.27
N PHE A 755 -6.42 25.69 -3.19
CA PHE A 755 -5.35 25.49 -2.19
C PHE A 755 -5.72 24.25 -1.41
N ASP A 756 -4.72 23.72 -0.66
CA ASP A 756 -4.93 22.40 -0.02
C ASP A 756 -6.14 22.40 0.92
N ALA A 757 -6.42 23.52 1.57
CA ALA A 757 -7.49 23.56 2.57
C ALA A 757 -8.84 23.94 2.01
N ALA A 758 -8.98 24.08 0.73
CA ALA A 758 -10.29 24.53 0.15
C ALA A 758 -10.89 23.39 -0.66
N SER A 759 -12.06 22.95 -0.22
CA SER A 759 -12.82 21.99 -1.02
C SER A 759 -14.00 22.62 -1.77
N ALA A 760 -14.29 23.90 -1.48
CA ALA A 760 -15.38 24.64 -2.16
C ALA A 760 -14.87 26.10 -2.20
N ALA A 761 -15.54 26.93 -3.00
CA ALA A 761 -15.15 28.34 -3.12
C ALA A 761 -16.40 29.17 -3.46
N ASN A 762 -16.48 30.33 -2.85
CA ASN A 762 -17.50 31.31 -3.24
C ASN A 762 -16.80 32.40 -4.06
N SER A 763 -17.28 32.64 -5.25
CA SER A 763 -16.63 33.60 -6.12
C SER A 763 -17.66 34.61 -6.64
N SER A 764 -17.26 35.87 -6.75
CA SER A 764 -18.19 36.92 -7.25
C SER A 764 -17.52 37.60 -8.46
N TYR A 765 -18.26 37.67 -9.56
CA TYR A 765 -17.71 38.32 -10.76
C TYR A 765 -18.67 39.31 -11.35
N THR A 766 -18.15 40.32 -11.99
CA THR A 766 -18.98 41.28 -12.72
C THR A 766 -19.04 40.79 -14.17
N LEU A 767 -20.24 40.72 -14.77
CA LEU A 767 -20.38 40.36 -16.14
C LEU A 767 -20.77 41.67 -16.86
N ASP A 768 -19.82 42.29 -17.54
CA ASP A 768 -19.97 43.66 -18.02
C ASP A 768 -20.11 43.71 -19.52
N ARG A 769 -20.62 44.89 -19.98
CA ARG A 769 -20.62 45.17 -21.43
C ARG A 769 -21.48 44.21 -22.18
N LEU A 770 -22.65 43.91 -21.57
CA LEU A 770 -23.61 43.01 -22.24
C LEU A 770 -24.61 43.76 -23.11
N VAL A 771 -25.04 43.10 -24.17
CA VAL A 771 -26.10 43.70 -25.04
C VAL A 771 -27.45 43.20 -24.46
N ARG A 772 -28.28 44.15 -24.03
CA ARG A 772 -29.57 43.74 -23.43
C ARG A 772 -30.37 42.99 -24.47
N GLY A 773 -31.01 41.91 -24.03
CA GLY A 773 -31.82 41.11 -24.92
C GLY A 773 -31.16 39.94 -25.56
N ARG A 774 -29.78 39.98 -25.55
CA ARG A 774 -29.00 38.95 -26.18
C ARG A 774 -28.78 37.75 -25.18
N ARG A 775 -28.73 36.60 -25.75
CA ARG A 775 -28.40 35.34 -24.96
C ARG A 775 -26.91 35.15 -24.87
N TYR A 776 -26.43 34.87 -23.67
CA TYR A 776 -25.02 34.59 -23.34
C TYR A 776 -24.96 33.22 -22.75
N ILE A 777 -23.76 32.61 -22.82
CA ILE A 777 -23.51 31.26 -22.27
C ILE A 777 -22.33 31.35 -21.31
N LEU A 778 -22.52 31.07 -20.04
CA LEU A 778 -21.41 30.88 -19.09
C LEU A 778 -20.91 29.45 -19.17
N THR A 779 -19.60 29.27 -19.35
CA THR A 779 -19.00 27.93 -19.25
C THR A 779 -18.18 27.89 -18.01
N VAL A 780 -18.56 26.92 -17.14
CA VAL A 780 -17.90 26.79 -15.85
C VAL A 780 -17.24 25.39 -15.79
N VAL A 781 -15.94 25.39 -15.59
CA VAL A 781 -15.17 24.09 -15.42
C VAL A 781 -14.84 23.97 -13.96
N VAL A 782 -15.24 22.74 -13.47
CA VAL A 782 -15.01 22.48 -12.02
C VAL A 782 -14.26 21.15 -11.95
N ASP A 783 -13.01 21.20 -11.44
CA ASP A 783 -12.32 19.92 -11.27
C ASP A 783 -12.90 19.19 -10.07
N SER A 784 -12.77 17.88 -10.09
CA SER A 784 -13.01 17.12 -8.83
C SER A 784 -11.73 16.25 -8.57
N THR A 785 -11.31 16.34 -7.32
CA THR A 785 -10.17 15.50 -6.85
C THR A 785 -10.68 14.21 -6.21
N GLY A 786 -11.93 13.85 -6.43
CA GLY A 786 -12.53 12.56 -5.99
C GLY A 786 -13.70 12.86 -5.04
N LEU A 787 -14.38 11.78 -4.65
CA LEU A 787 -15.46 11.82 -3.64
C LEU A 787 -14.91 11.63 -2.26
N ASP A 788 -15.42 12.33 -1.29
CA ASP A 788 -14.88 12.24 0.04
C ASP A 788 -15.25 10.79 0.64
N GLU A 789 -14.38 10.46 1.62
CA GLU A 789 -14.69 9.27 2.41
C GLU A 789 -15.86 9.49 3.32
N ASN A 790 -16.22 8.42 4.04
CA ASN A 790 -17.37 8.39 5.01
C ASN A 790 -16.93 7.68 6.28
N TRP A 791 -15.89 8.21 6.90
CA TRP A 791 -15.38 7.43 8.04
C TRP A 791 -16.04 7.63 9.34
N THR A 792 -17.02 8.50 9.43
CA THR A 792 -17.86 8.55 10.65
C THR A 792 -19.28 8.18 10.23
N THR A 793 -19.76 7.02 10.63
CA THR A 793 -21.13 6.58 10.31
C THR A 793 -22.14 7.58 10.88
N GLY A 794 -23.09 7.94 10.04
CA GLY A 794 -24.13 8.91 10.48
C GLY A 794 -23.81 10.31 10.00
N ASP A 795 -22.60 10.57 9.55
CA ASP A 795 -22.24 11.83 8.88
C ASP A 795 -22.02 11.39 7.43
N ASP A 796 -22.95 11.70 6.53
CA ASP A 796 -22.91 11.23 5.15
C ASP A 796 -21.90 12.04 4.31
N SER A 797 -20.69 12.16 4.78
CA SER A 797 -19.70 12.98 4.10
C SER A 797 -19.38 12.51 2.73
N MET A 798 -19.52 11.26 2.36
CA MET A 798 -19.25 10.87 0.99
C MET A 798 -20.21 11.51 -0.01
N LYS A 799 -21.37 11.99 0.50
CA LYS A 799 -22.43 12.60 -0.35
C LYS A 799 -22.07 14.03 -0.65
N ALA A 800 -20.97 14.61 -0.20
CA ALA A 800 -20.63 16.00 -0.58
C ALA A 800 -20.61 16.06 -2.10
N PRO A 801 -21.43 16.98 -2.71
CA PRO A 801 -21.53 16.91 -4.14
C PRO A 801 -20.34 17.67 -4.87
N ARG A 802 -20.28 17.39 -6.15
CA ARG A 802 -19.30 18.10 -7.02
C ARG A 802 -20.09 18.90 -8.03
N GLY A 803 -19.62 20.15 -8.20
CA GLY A 803 -20.34 20.98 -9.20
C GLY A 803 -20.58 22.33 -8.64
N ILE A 804 -21.82 22.80 -8.90
CA ILE A 804 -22.20 24.11 -8.45
C ILE A 804 -23.20 24.03 -7.27
N LEU A 805 -22.82 24.55 -6.12
CA LEU A 805 -23.65 24.52 -4.91
C LEU A 805 -24.75 25.53 -4.93
N ASP A 806 -24.39 26.73 -5.42
CA ASP A 806 -25.34 27.87 -5.39
C ASP A 806 -24.88 28.88 -6.37
N TYR A 807 -25.81 29.77 -6.78
CA TYR A 807 -25.42 30.90 -7.63
C TYR A 807 -26.48 31.95 -7.55
N ALA A 808 -26.12 33.15 -7.99
CA ALA A 808 -27.15 34.22 -8.17
C ALA A 808 -26.64 35.07 -9.30
N LEU A 809 -27.54 35.48 -10.20
CA LEU A 809 -27.17 36.39 -11.28
C LEU A 809 -28.18 37.56 -11.15
N THR A 810 -27.64 38.75 -10.89
CA THR A 810 -28.54 39.89 -10.63
C THR A 810 -28.25 41.00 -11.61
N SER A 811 -29.31 41.71 -12.01
CA SER A 811 -29.15 42.87 -12.90
C SER A 811 -28.66 44.03 -12.10
N SER A 812 -28.32 45.14 -12.83
CA SER A 812 -27.84 46.35 -12.13
C SER A 812 -28.93 47.09 -11.36
N SER A 813 -30.17 46.66 -11.52
CA SER A 813 -31.26 47.18 -10.69
C SER A 813 -31.68 46.23 -9.55
N GLY A 814 -30.89 45.16 -9.39
CA GLY A 814 -31.14 44.12 -8.37
C GLY A 814 -32.09 42.99 -8.78
N ALA A 815 -32.66 42.96 -9.98
CA ALA A 815 -33.56 41.87 -10.39
C ALA A 815 -32.79 40.54 -10.52
N ASN A 816 -33.45 39.46 -10.22
CA ASN A 816 -32.85 38.16 -10.43
C ASN A 816 -32.99 37.77 -11.86
N VAL A 817 -31.91 37.26 -12.48
CA VAL A 817 -31.93 36.79 -13.85
C VAL A 817 -31.79 35.29 -13.89
N SER A 818 -32.67 34.60 -14.59
CA SER A 818 -32.69 33.14 -14.61
C SER A 818 -31.59 32.59 -15.50
N ILE A 819 -30.99 31.45 -15.09
CA ILE A 819 -30.05 30.72 -15.95
C ILE A 819 -30.58 29.33 -16.18
N SER A 820 -30.51 28.84 -17.40
CA SER A 820 -30.87 27.44 -17.71
C SER A 820 -29.58 26.67 -18.02
N TRP A 821 -29.49 25.42 -17.61
CA TRP A 821 -28.19 24.80 -17.55
C TRP A 821 -28.12 23.52 -18.32
N LYS A 822 -26.89 23.17 -18.82
CA LYS A 822 -26.51 21.84 -19.27
C LYS A 822 -25.21 21.48 -18.52
N LEU A 823 -24.89 20.17 -18.55
CA LEU A 823 -23.64 19.74 -17.83
C LEU A 823 -23.11 18.50 -18.51
N THR A 824 -21.81 18.31 -18.19
CA THR A 824 -21.23 16.98 -18.54
C THR A 824 -20.07 16.63 -17.58
N GLY A 825 -19.96 15.31 -17.38
CA GLY A 825 -18.71 14.69 -16.84
C GLY A 825 -18.21 13.79 -17.96
N ASN A 826 -17.63 12.63 -17.58
CA ASN A 826 -17.19 11.64 -18.55
C ASN A 826 -18.29 11.31 -19.52
N LEU A 827 -17.94 11.02 -20.78
CA LEU A 827 -18.95 10.81 -21.77
C LEU A 827 -19.74 9.55 -21.43
N GLY A 828 -21.07 9.67 -21.38
CA GLY A 828 -21.89 8.48 -21.02
C GLY A 828 -22.24 8.41 -19.53
N GLY A 829 -21.48 9.05 -18.66
CA GLY A 829 -21.73 8.97 -17.21
C GLY A 829 -21.54 7.55 -16.77
N GLU A 830 -22.60 6.97 -16.12
CA GLU A 830 -22.54 5.54 -15.72
C GLU A 830 -22.51 4.60 -16.85
N ASP A 831 -22.95 5.00 -18.07
CA ASP A 831 -22.74 4.21 -19.31
C ASP A 831 -21.42 4.60 -19.90
N TYR A 832 -20.36 4.38 -19.10
CA TYR A 832 -19.00 4.89 -19.43
C TYR A 832 -18.43 4.15 -20.65
N ARG A 833 -17.60 4.85 -21.40
CA ARG A 833 -17.21 4.30 -22.69
C ARG A 833 -16.08 3.32 -22.71
N ASP A 834 -15.26 3.31 -21.68
CA ASP A 834 -14.05 2.39 -21.75
C ASP A 834 -14.21 1.30 -20.70
N VAL A 835 -14.80 0.22 -21.12
CA VAL A 835 -15.00 -0.87 -20.19
C VAL A 835 -13.68 -1.50 -19.73
N PHE A 836 -12.67 -1.45 -20.57
CA PHE A 836 -11.36 -2.03 -20.18
C PHE A 836 -10.70 -1.22 -19.08
N ARG A 837 -10.69 0.10 -19.17
CA ARG A 837 -10.00 0.89 -18.21
C ARG A 837 -10.85 1.35 -17.02
N GLY A 838 -12.16 1.02 -17.06
CA GLY A 838 -13.00 1.24 -15.83
C GLY A 838 -13.74 2.54 -15.77
N PRO A 839 -14.56 2.67 -14.72
CA PRO A 839 -15.59 3.74 -14.69
C PRO A 839 -15.00 5.06 -14.26
N LEU A 840 -13.80 5.14 -13.71
CA LEU A 840 -13.25 6.37 -13.13
C LEU A 840 -12.12 7.02 -13.99
N ASN A 841 -11.55 6.22 -14.91
CA ASN A 841 -10.34 6.68 -15.61
C ASN A 841 -10.46 8.04 -16.29
N GLU A 842 -11.62 8.26 -16.95
CA GLU A 842 -11.86 9.53 -17.65
C GLU A 842 -12.67 10.52 -16.88
N GLY A 843 -12.28 11.79 -16.89
CA GLY A 843 -13.14 12.92 -16.60
C GLY A 843 -13.90 13.41 -17.84
N GLY A 844 -14.40 14.64 -17.63
CA GLY A 844 -15.30 15.24 -18.63
C GLY A 844 -14.65 16.24 -19.57
N LEU A 845 -13.34 16.45 -19.60
CA LEU A 845 -12.75 17.37 -20.58
C LEU A 845 -12.93 16.88 -21.98
N PHE A 846 -13.08 17.85 -22.93
CA PHE A 846 -13.33 17.48 -24.31
C PHE A 846 -12.41 16.31 -24.87
N PHE A 847 -11.06 16.50 -24.59
CA PHE A 847 -10.21 15.46 -25.19
C PHE A 847 -10.50 14.00 -24.66
N GLU A 848 -10.93 13.94 -23.35
CA GLU A 848 -11.30 12.66 -22.73
C GLU A 848 -12.61 12.10 -23.33
N ARG A 849 -13.58 13.07 -23.44
CA ARG A 849 -14.84 12.65 -24.03
C ARG A 849 -14.74 12.00 -25.43
N GLN A 850 -13.84 12.63 -26.21
CA GLN A 850 -13.61 12.18 -27.57
C GLN A 850 -12.81 10.92 -27.67
N GLY A 851 -12.15 10.55 -26.54
CA GLY A 851 -11.22 9.35 -26.58
C GLY A 851 -9.84 9.74 -27.14
N PHE A 852 -9.54 11.02 -27.20
CA PHE A 852 -8.22 11.44 -27.80
C PHE A 852 -7.02 11.09 -26.89
N HIS A 853 -7.29 10.66 -25.62
CA HIS A 853 -6.22 10.16 -24.76
C HIS A 853 -5.89 8.73 -25.06
N LEU A 854 -6.56 8.01 -25.96
CA LEU A 854 -6.36 6.60 -26.19
C LEU A 854 -5.20 6.39 -27.20
N PRO A 855 -4.56 5.22 -27.14
CA PRO A 855 -3.48 4.95 -28.10
C PRO A 855 -3.93 5.09 -29.54
N SER A 856 -3.01 5.58 -30.37
CA SER A 856 -3.25 5.82 -31.83
C SER A 856 -4.41 6.84 -32.05
N PRO A 857 -4.26 8.02 -31.47
CA PRO A 857 -5.35 9.01 -31.58
C PRO A 857 -5.40 9.51 -33.04
N PRO A 858 -6.48 10.23 -33.41
CA PRO A 858 -6.68 10.63 -34.83
C PRO A 858 -5.88 11.93 -35.07
N LEU A 859 -4.66 11.80 -35.62
CA LEU A 859 -3.77 12.93 -35.68
C LEU A 859 -4.27 14.03 -36.64
N SER A 860 -5.17 13.70 -37.58
CA SER A 860 -5.89 14.75 -38.35
C SER A 860 -6.63 15.78 -37.54
N ASP A 861 -7.06 15.42 -36.35
CA ASP A 861 -7.78 16.36 -35.49
C ASP A 861 -6.89 17.21 -34.61
N PHE A 862 -5.56 16.97 -34.70
CA PHE A 862 -4.59 17.71 -33.88
C PHE A 862 -3.76 18.61 -34.83
N THR A 863 -2.98 19.48 -34.25
CA THR A 863 -2.08 20.25 -35.03
C THR A 863 -0.64 19.96 -34.61
N HIS A 864 0.32 20.21 -35.49
CA HIS A 864 1.74 20.05 -35.15
C HIS A 864 2.48 21.27 -35.66
N GLY A 865 3.38 21.79 -34.86
CA GLY A 865 4.29 22.82 -35.36
C GLY A 865 5.55 22.85 -34.49
N PRO A 866 6.59 23.57 -34.94
CA PRO A 866 7.93 23.36 -34.37
C PRO A 866 7.99 23.94 -33.02
N SER A 867 8.71 23.29 -32.12
CA SER A 867 8.86 23.81 -30.76
C SER A 867 9.60 25.13 -30.77
N SER A 868 9.32 25.95 -29.74
CA SER A 868 9.80 27.33 -29.59
C SER A 868 9.30 28.32 -30.67
N SER A 869 8.43 27.87 -31.55
CA SER A 869 7.85 28.76 -32.53
C SER A 869 6.47 29.23 -32.15
N SER A 870 5.95 30.14 -32.99
CA SER A 870 4.62 30.68 -32.80
C SER A 870 3.49 29.64 -32.96
N SER A 871 3.73 28.52 -33.64
CA SER A 871 2.68 27.50 -33.80
C SER A 871 3.10 26.21 -33.11
N SER A 872 3.96 26.35 -32.13
CA SER A 872 4.42 25.14 -31.39
C SER A 872 3.23 24.32 -30.88
N SER A 873 3.36 23.02 -31.03
CA SER A 873 2.42 22.05 -30.48
C SER A 873 3.02 21.21 -29.31
N SER A 874 3.93 21.83 -28.58
CA SER A 874 4.63 21.17 -27.46
C SER A 874 4.11 21.72 -26.13
N PRO A 875 3.89 20.81 -25.14
CA PRO A 875 3.52 21.32 -23.80
C PRO A 875 4.54 22.20 -23.10
N LEU A 876 5.82 22.11 -23.62
CA LEU A 876 6.91 22.97 -23.04
C LEU A 876 6.75 24.46 -23.48
N ASP A 877 5.98 24.66 -24.56
CA ASP A 877 5.64 26.04 -25.02
C ASP A 877 4.23 26.52 -24.54
N GLY A 878 3.34 25.53 -24.35
CA GLY A 878 2.05 25.84 -23.65
C GLY A 878 1.19 26.86 -24.45
N ILE A 879 0.39 27.57 -23.72
CA ILE A 879 -0.67 28.41 -24.30
C ILE A 879 -0.58 29.72 -23.63
N ALA A 880 -1.04 30.77 -24.40
CA ALA A 880 -0.84 32.15 -23.96
C ALA A 880 -2.10 32.80 -23.40
N HIS A 881 -3.11 31.98 -23.12
CA HIS A 881 -4.37 32.50 -22.52
C HIS A 881 -4.86 31.45 -21.57
N ALA A 882 -5.78 31.84 -20.70
CA ALA A 882 -6.46 30.83 -19.89
C ALA A 882 -7.18 29.87 -20.78
N GLY A 883 -7.19 28.58 -20.42
CA GLY A 883 -7.76 27.60 -21.31
C GLY A 883 -7.24 26.15 -21.07
N ILE A 884 -7.53 25.26 -21.98
CA ILE A 884 -7.17 23.85 -21.76
C ILE A 884 -6.76 23.28 -23.05
N ALA A 885 -5.53 22.73 -23.11
CA ALA A 885 -5.04 22.06 -24.30
C ALA A 885 -4.66 20.61 -24.02
N PHE A 886 -4.65 19.75 -24.96
CA PHE A 886 -4.18 18.38 -24.73
C PHE A 886 -3.06 18.16 -25.75
N TYR A 887 -2.00 17.50 -25.28
CA TYR A 887 -0.80 17.18 -26.10
C TYR A 887 -0.60 15.70 -26.13
N ALA A 888 -0.28 15.13 -27.30
CA ALA A 888 -0.06 13.67 -27.39
C ALA A 888 1.22 13.42 -28.20
N ALA A 889 1.97 12.38 -27.81
CA ALA A 889 3.18 12.00 -28.61
C ALA A 889 3.43 10.50 -28.53
N LYS A 890 4.00 9.90 -29.55
CA LYS A 890 4.39 8.50 -29.55
C LYS A 890 5.80 8.42 -28.84
N LEU A 891 5.90 7.51 -27.89
CA LEU A 891 7.15 7.30 -27.16
C LEU A 891 7.56 5.86 -27.40
N PRO A 892 8.46 5.59 -28.35
CA PRO A 892 8.99 4.22 -28.53
C PRO A 892 10.01 3.89 -27.44
N LEU A 893 9.84 2.67 -26.89
CA LEU A 893 10.89 2.23 -25.92
C LEU A 893 11.42 0.90 -26.41
N HIS A 894 12.77 0.73 -26.18
CA HIS A 894 13.45 -0.56 -26.55
C HIS A 894 14.48 -0.81 -25.48
N LEU A 895 13.99 -1.34 -24.37
CA LEU A 895 14.77 -1.53 -23.14
C LEU A 895 14.84 -3.05 -22.89
N PRO A 896 15.90 -3.53 -22.17
CA PRO A 896 16.14 -4.91 -21.98
C PRO A 896 15.31 -5.55 -20.81
N ALA A 897 14.01 -5.48 -20.98
CA ALA A 897 13.09 -5.84 -19.89
C ALA A 897 13.10 -7.28 -19.61
N GLN A 898 13.48 -8.16 -20.52
CA GLN A 898 13.53 -9.55 -20.19
C GLN A 898 14.63 -9.84 -19.12
N GLU A 899 15.69 -9.08 -19.08
CA GLU A 899 16.76 -9.30 -18.12
C GLU A 899 16.76 -8.33 -16.97
N TYR A 900 16.19 -7.11 -17.09
CA TYR A 900 16.30 -6.10 -16.11
C TYR A 900 14.91 -5.59 -15.75
N ASP A 901 14.79 -5.18 -14.52
CA ASP A 901 13.65 -4.33 -14.04
C ASP A 901 14.19 -2.91 -13.98
N ILE A 902 13.61 -2.00 -14.80
CA ILE A 902 14.06 -0.64 -14.92
C ILE A 902 12.90 0.30 -14.62
N PRO A 903 12.77 0.78 -13.44
CA PRO A 903 11.58 1.66 -13.10
C PRO A 903 11.64 2.98 -13.85
N LEU A 904 10.51 3.35 -14.51
CA LEU A 904 10.43 4.65 -15.17
C LEU A 904 9.43 5.61 -14.56
N SER A 905 9.68 6.89 -14.64
CA SER A 905 8.72 7.88 -14.09
C SER A 905 8.77 9.12 -14.94
N PHE A 906 7.76 9.95 -14.86
CA PHE A 906 7.67 11.20 -15.59
C PHE A 906 7.83 12.29 -14.62
N VAL A 907 8.75 13.27 -14.83
CA VAL A 907 9.06 14.24 -13.87
C VAL A 907 8.77 15.67 -14.40
N PHE A 908 7.93 16.40 -13.68
CA PHE A 908 7.65 17.79 -14.02
C PHE A 908 8.59 18.65 -13.25
N ASP A 909 9.11 19.72 -13.92
CA ASP A 909 9.95 20.74 -13.23
C ASP A 909 9.06 21.81 -12.60
N ASN A 910 9.20 22.07 -11.32
CA ASN A 910 8.40 23.08 -10.64
C ASN A 910 9.11 24.33 -10.46
N ALA A 911 9.06 25.13 -11.53
CA ALA A 911 9.92 26.33 -11.58
C ALA A 911 9.35 27.53 -10.79
N THR A 912 10.11 28.14 -9.86
CA THR A 912 9.50 29.06 -8.88
C THR A 912 8.76 30.19 -9.60
N ALA A 913 9.27 30.57 -10.76
CA ALA A 913 8.56 31.51 -11.59
C ALA A 913 7.82 30.78 -12.66
N ALA A 914 6.58 30.34 -12.33
CA ALA A 914 5.72 29.87 -13.37
C ALA A 914 4.25 30.16 -13.04
N ALA A 915 3.55 30.61 -14.07
CA ALA A 915 2.12 30.76 -13.93
C ALA A 915 1.45 29.41 -13.47
N PRO A 916 0.36 29.51 -12.71
CA PRO A 916 -0.27 28.25 -12.18
C PRO A 916 -0.99 27.47 -13.21
N TYR A 917 -0.86 26.13 -13.12
CA TYR A 917 -1.61 25.27 -14.01
C TYR A 917 -1.88 23.92 -13.34
N ARG A 918 -2.79 23.21 -13.96
CA ARG A 918 -3.03 21.81 -13.62
C ARG A 918 -2.76 20.98 -14.84
N ALA A 919 -2.31 19.74 -14.66
CA ALA A 919 -2.07 18.86 -15.74
C ALA A 919 -2.52 17.41 -15.47
N LEU A 920 -2.88 16.71 -16.50
CA LEU A 920 -3.19 15.27 -16.41
C LEU A 920 -2.17 14.54 -17.25
N LEU A 921 -1.64 13.43 -16.72
CA LEU A 921 -0.72 12.54 -17.47
C LEU A 921 -1.43 11.33 -17.92
N TYR A 922 -1.40 10.93 -19.17
CA TYR A 922 -1.92 9.73 -19.69
C TYR A 922 -0.85 8.83 -20.32
N VAL A 923 -0.88 7.53 -20.08
CA VAL A 923 0.02 6.58 -20.74
C VAL A 923 -0.75 5.47 -21.27
N ASN A 924 -0.76 5.31 -22.60
CA ASN A 924 -1.50 4.27 -23.25
C ASN A 924 -2.98 4.22 -22.77
N GLY A 925 -3.53 5.43 -22.68
CA GLY A 925 -4.97 5.52 -22.32
C GLY A 925 -5.27 5.50 -20.85
N PHE A 926 -4.32 5.18 -19.98
CA PHE A 926 -4.52 5.21 -18.53
C PHE A 926 -4.09 6.47 -17.92
N GLN A 927 -4.96 7.14 -17.12
CA GLN A 927 -4.57 8.33 -16.43
C GLN A 927 -3.63 7.99 -15.27
N TYR A 928 -2.42 8.51 -15.25
CA TYR A 928 -1.42 8.15 -14.30
C TYR A 928 -0.86 9.34 -13.64
N GLY A 929 -1.61 10.47 -13.52
CA GLY A 929 -1.16 11.57 -12.71
C GLY A 929 -2.06 12.79 -12.85
N LYS A 930 -2.25 13.41 -11.72
CA LYS A 930 -2.85 14.73 -11.65
C LYS A 930 -1.80 15.59 -11.00
N TYR A 931 -1.33 16.62 -11.72
CA TYR A 931 -0.33 17.52 -11.32
C TYR A 931 -0.86 18.89 -11.03
N VAL A 932 -0.62 19.48 -9.88
CA VAL A 932 -1.24 20.78 -9.54
C VAL A 932 -0.08 21.68 -9.17
N SER A 933 0.31 22.58 -10.09
CA SER A 933 1.60 23.30 -9.95
C SER A 933 1.66 24.20 -8.77
N ASN A 934 0.51 24.80 -8.34
CA ASN A 934 0.49 25.68 -7.23
C ASN A 934 0.13 25.08 -5.86
N ILE A 935 0.00 23.73 -5.82
CA ILE A 935 -0.42 23.06 -4.58
C ILE A 935 0.59 21.90 -4.23
N GLY A 936 0.92 21.05 -5.18
CA GLY A 936 1.93 20.01 -4.94
C GLY A 936 1.37 18.93 -4.00
N PRO A 937 2.26 17.98 -3.55
CA PRO A 937 3.72 18.08 -3.62
C PRO A 937 4.26 17.22 -4.78
N GLN A 938 3.45 16.47 -5.51
CA GLN A 938 4.02 15.47 -6.41
C GLN A 938 4.59 16.12 -7.67
N THR A 939 5.84 15.80 -7.97
CA THR A 939 6.46 16.14 -9.26
C THR A 939 6.88 14.99 -10.07
N GLU A 940 7.06 13.79 -9.47
CA GLU A 940 7.52 12.64 -10.12
C GLU A 940 6.48 11.53 -10.18
N PHE A 941 6.08 11.02 -11.33
CA PHE A 941 4.95 10.11 -11.51
C PHE A 941 5.40 8.83 -12.10
N PRO A 942 5.59 7.80 -11.22
CA PRO A 942 5.97 6.47 -11.75
C PRO A 942 4.89 5.81 -12.55
N VAL A 943 5.22 5.05 -13.53
CA VAL A 943 4.25 4.33 -14.32
C VAL A 943 4.83 2.93 -14.51
N PRO A 944 4.08 1.85 -14.22
CA PRO A 944 4.74 0.54 -14.24
C PRO A 944 4.94 -0.03 -15.64
N GLU A 945 5.98 -0.85 -15.82
CA GLU A 945 6.04 -1.72 -16.93
C GLU A 945 4.81 -2.57 -16.98
N GLY A 946 4.25 -2.85 -18.16
CA GLY A 946 2.97 -3.51 -18.30
C GLY A 946 1.96 -2.45 -18.75
N ILE A 947 1.89 -1.31 -18.09
CA ILE A 947 1.13 -0.16 -18.62
C ILE A 947 2.04 0.47 -19.75
N LEU A 948 3.31 0.63 -19.48
CA LEU A 948 4.29 0.94 -20.51
C LEU A 948 4.75 -0.31 -21.21
N ASP A 949 4.98 -0.27 -22.53
CA ASP A 949 5.49 -1.37 -23.33
C ASP A 949 6.97 -1.04 -23.53
N TYR A 950 7.85 -1.89 -22.94
CA TYR A 950 9.32 -1.60 -22.99
C TYR A 950 9.95 -2.04 -24.31
N ASN A 951 9.20 -2.63 -25.21
CA ASN A 951 9.74 -3.03 -26.51
C ASN A 951 8.70 -2.74 -27.58
N GLY A 952 8.28 -1.50 -27.63
CA GLY A 952 7.26 -1.14 -28.65
C GLY A 952 6.85 0.32 -28.50
N ASP A 953 5.80 0.63 -29.25
CA ASP A 953 5.31 2.01 -29.23
C ASP A 953 4.40 2.28 -28.00
N ASN A 954 4.52 3.45 -27.45
CA ASN A 954 3.59 3.93 -26.39
C ASN A 954 3.02 5.24 -26.80
N TRP A 955 1.88 5.60 -26.26
CA TRP A 955 1.35 6.92 -26.47
C TRP A 955 1.35 7.66 -25.13
N ILE A 956 1.90 8.84 -25.01
CA ILE A 956 1.75 9.61 -23.83
CA ILE A 956 1.86 9.66 -23.80
C ILE A 956 0.96 10.87 -24.08
N GLY A 957 0.31 11.33 -23.04
CA GLY A 957 -0.60 12.49 -23.21
C GLY A 957 -0.44 13.41 -22.02
N VAL A 958 -0.50 14.74 -22.23
CA VAL A 958 -0.42 15.68 -21.17
C VAL A 958 -1.50 16.71 -21.44
N ALA A 959 -2.47 16.80 -20.50
CA ALA A 959 -3.44 17.91 -20.58
C ALA A 959 -2.91 19.05 -19.79
N LEU A 960 -3.07 20.30 -20.25
CA LEU A 960 -2.60 21.49 -19.65
C LEU A 960 -3.76 22.47 -19.42
N TRP A 961 -4.05 22.79 -18.20
CA TRP A 961 -5.10 23.72 -17.88
C TRP A 961 -4.47 24.91 -17.27
N ALA A 962 -4.45 26.03 -18.10
CA ALA A 962 -3.89 27.28 -17.63
C ALA A 962 -4.95 28.08 -16.86
N LEU A 963 -4.72 28.46 -15.65
CA LEU A 963 -5.77 28.99 -14.78
C LEU A 963 -5.87 30.50 -14.85
N GLU A 964 -4.82 31.18 -15.34
CA GLU A 964 -4.85 32.65 -15.36
C GLU A 964 -4.73 33.10 -16.80
N SER A 965 -5.05 34.42 -16.90
CA SER A 965 -5.25 34.95 -18.21
C SER A 965 -4.02 35.06 -19.11
N ARG A 966 -2.86 34.97 -18.51
CA ARG A 966 -1.58 35.04 -19.23
C ARG A 966 -1.16 33.63 -19.68
N GLY A 967 -1.98 32.59 -19.44
CA GLY A 967 -1.57 31.27 -19.94
C GLY A 967 -0.65 30.48 -19.00
N ALA A 968 -0.09 29.43 -19.61
CA ALA A 968 0.85 28.57 -18.78
C ALA A 968 1.55 27.73 -19.76
N LYS A 969 2.65 27.13 -19.21
CA LYS A 969 3.38 26.09 -19.90
C LYS A 969 4.03 25.11 -18.86
N VAL A 970 4.39 23.94 -19.39
CA VAL A 970 5.13 22.98 -18.52
C VAL A 970 6.62 23.42 -18.62
N PRO A 971 7.22 23.80 -17.49
CA PRO A 971 8.65 24.33 -17.59
C PRO A 971 9.67 23.28 -17.97
N GLY A 972 9.45 22.01 -17.63
CA GLY A 972 10.28 20.87 -18.03
C GLY A 972 9.56 19.58 -17.74
N LEU A 973 9.75 18.62 -18.56
CA LEU A 973 9.15 17.31 -18.43
C LEU A 973 10.13 16.30 -18.99
N ALA A 974 10.44 15.32 -18.15
CA ALA A 974 11.45 14.33 -18.52
C ALA A 974 11.04 12.94 -18.08
N LEU A 975 11.56 11.94 -18.74
CA LEU A 975 11.49 10.57 -18.37
C LEU A 975 12.70 10.23 -17.62
N LYS A 976 12.52 9.70 -16.42
CA LYS A 976 13.60 9.30 -15.52
C LYS A 976 13.61 7.82 -15.25
N SER A 977 14.82 7.22 -15.16
CA SER A 977 14.97 5.82 -14.85
C SER A 977 15.65 5.71 -13.50
N LYS A 978 15.29 4.64 -12.74
CA LYS A 978 16.12 4.23 -11.54
C LYS A 978 17.22 3.22 -12.03
N SER A 979 18.20 3.02 -11.13
CA SER A 979 19.32 2.06 -11.44
C SER A 979 18.75 0.73 -11.82
N PRO A 980 19.12 0.09 -12.91
CA PRO A 980 18.48 -1.15 -13.39
C PRO A 980 18.80 -2.30 -12.44
N ILE A 981 17.84 -3.20 -12.28
CA ILE A 981 17.99 -4.37 -11.40
C ILE A 981 17.99 -5.60 -12.26
N LEU A 982 19.09 -6.40 -12.21
CA LEU A 982 19.15 -7.60 -12.93
C LEU A 982 18.17 -8.59 -12.29
N THR A 983 17.22 -9.13 -13.05
CA THR A 983 16.08 -9.71 -12.38
C THR A 983 15.81 -11.15 -12.77
N GLY A 984 15.32 -11.90 -11.78
CA GLY A 984 14.83 -13.27 -11.94
C GLY A 984 13.29 -13.38 -11.80
N ARG A 985 12.60 -12.24 -11.98
CA ARG A 985 11.10 -12.24 -11.92
C ARG A 985 10.50 -13.01 -13.08
N GLU A 986 9.23 -13.42 -12.92
CA GLU A 986 8.47 -13.90 -14.06
C GLU A 986 8.14 -12.72 -15.01
N ARG A 987 8.04 -13.05 -16.31
CA ARG A 987 7.94 -12.01 -17.36
C ARG A 987 6.67 -11.12 -17.23
N VAL A 988 6.88 -9.85 -17.43
CA VAL A 988 5.77 -8.87 -17.37
C VAL A 988 5.12 -8.79 -18.74
N GLU A 989 3.84 -9.05 -18.78
CA GLU A 989 3.08 -9.00 -20.03
C GLU A 989 2.46 -7.58 -20.18
N VAL A 990 2.50 -7.03 -21.38
CA VAL A 990 1.94 -5.69 -21.64
C VAL A 990 0.41 -5.77 -21.54
N VAL A 991 -0.15 -4.77 -20.87
CA VAL A 991 -1.62 -4.64 -20.74
C VAL A 991 -2.13 -4.03 -22.03
N LYS A 992 -2.94 -4.82 -22.70
CA LYS A 992 -3.39 -4.41 -24.06
C LYS A 992 -4.74 -3.71 -24.05
N GLY A 993 -4.74 -2.45 -23.68
CA GLY A 993 -5.99 -1.64 -23.70
C GLY A 993 -6.41 -1.29 -25.12
N PRO A 994 -7.71 -1.04 -25.33
CA PRO A 994 -8.13 -0.73 -26.71
C PRO A 994 -7.53 0.62 -27.15
N HIS A 995 -7.30 0.68 -28.47
CA HIS A 995 -6.87 1.94 -29.08
C HIS A 995 -8.08 2.82 -29.41
N PHE A 996 -7.76 4.04 -29.75
CA PHE A 996 -8.78 5.00 -30.19
C PHE A 996 -9.71 4.42 -31.25
N LYS A 997 -11.01 4.61 -31.06
CA LYS A 997 -11.99 4.44 -32.11
C LYS A 997 -12.97 5.59 -31.97
N LYS A 998 -13.40 6.16 -33.08
CA LYS A 998 -14.34 7.25 -33.04
C LYS A 998 -15.59 6.85 -32.24
N ARG A 999 -16.00 7.76 -31.35
CA ARG A 999 -17.13 7.49 -30.47
C ARG A 999 -18.45 8.06 -31.01
N HIS A 1000 -19.40 7.19 -31.15
CA HIS A 1000 -20.74 7.72 -31.63
C HIS A 1000 -21.37 8.54 -30.53
N GLY A 1001 -22.02 9.62 -30.89
CA GLY A 1001 -22.67 10.44 -29.94
C GLY A 1001 -21.79 11.28 -29.08
N ALA A 1002 -20.47 11.38 -29.39
CA ALA A 1002 -19.60 12.19 -28.57
C ALA A 1002 -19.82 13.71 -28.81
N TYR A 1003 -19.34 14.55 -27.91
CA TYR A 1003 -19.43 15.98 -27.94
C TYR A 1003 -18.29 16.61 -27.16
#